data_9VFT
#
_entry.id   9VFT
#
loop_
_entity.id
_entity.type
_entity.pdbx_description
1 polymer VH
2 polymer VL
3 polymer 'Genome polyprotein'
4 polymer 'Genome polyprotein'
5 polymer 'Genome polyprotein'
6 polymer 'Genome polyprotein'
7 non-polymer 'STEARIC ACID'
#
loop_
_entity_poly.entity_id
_entity_poly.type
_entity_poly.pdbx_seq_one_letter_code
_entity_poly.pdbx_strand_id
1 'polypeptide(L)'
;EVKLVESGGGLVKPGGSLKLSCAASGFAFSTYDMSWVRQTPEKRLEWVATISSGGSYTYYPDSVKGRFTISRDNARNTLY
LQMSSLRSEDTALYYCARGGPYDYDGSFYTMDYWGQGTSVTVSS
;
F
2 'polypeptide(L)'
;DIQMTQSPSSLSASLGERVSLTCRASQDIGSRLNWLQQEPDGTIKRLIYATSSLDSGVPKRFSGSRSGSYYSLTISSLES
EDFVDYYCLQYAGFPWTFGGGTKLEIK
;
E
3 'polypeptide(L)' MGAQVSTQKSGSHETRNVATEGSTINFTNINYYKDSYAASASRQDFAQDPAKFTRPVLDAIREAAAPLQ D
4 'polypeptide(L)'
;SPSVEACGYSDRVAQLTVGNSTITTQEAANIVLSYGEWPEYCPSTDATAVDKPTRPDVSVNRFYTLSTKSWKTESTGWYW
KFPDVLNDTGVFGQNAQFHYLYRSGFCMHVQCNASKFHQGALLVAAIPEFVIAASSPATKPNSQGLYPDFAHTNPGKDGQ
EFRDPYVLDAGIPLSQALIFPHQWINLRTNNCATIIMPYINALPFDSALNHSNFGLVVIPISPLKYCNGATTEVPITLTI
APLNSEFSGLRQAIKQ
;
B
5 'polypeptide(L)'
;GFPTELKPGTNQFLTTDDGTSPPILPGFEPTPLIHIPGEFTSLLDLCQVETILEVNNTTGTTGVSRLLIPVRAQNNVDQL
CASFQVDPGRNGPWQSTMVGQICRYYTQWSGSLKVTFMFTGSFMATGKMLIAYTPPGSAQPTTREAAMLGTHIVWDFGLQ
SSVTLVIPWISNTHFRAVKTGGVYDYYATGIVTIWYQTNFVVPPDTPTEANIIALGAAQKNFTLKLCKDTDEIQQTAEYQ
;
C
6 'polypeptide(L)'
;NDPITNAVESAVSALADTTISRVTAANTAASTHSLGTGRVPALQAAETGASSNSSDENLIETRCVMNRNGVNEASVEHFY
SRAGLVGVVEVKDSGTSLDGYTVWPIDVMGFVQQRRKLELSTYMRFDAEFTFVSNLNNSTTPGMLLQYMYVPPGAPKPDS
RKSYQWQTATNPSVFAKLSDPPPQVSVPFMSPATAYQWFYDGYPTFGEHKQATNLQYGQCPNNMMGHFAIRTVSESTTGK
NIHVRVYMRIKHVRAWVPRPLRSQAYMVKNYPTYSQTITNTATDRASITTTDYEGGVPASPQRTS
;
A
#
# COMPACT_ATOMS: atom_id res chain seq x y z
N GLU A 1 28.79 26.19 9.46
CA GLU A 1 27.54 26.94 9.56
C GLU A 1 26.86 27.05 8.21
N VAL A 2 25.54 26.89 8.20
CA VAL A 2 24.76 26.99 6.98
C VAL A 2 24.76 28.44 6.52
N LYS A 3 25.22 28.68 5.30
CA LYS A 3 25.32 30.03 4.76
C LYS A 3 24.85 30.02 3.31
N LEU A 4 23.85 30.85 3.02
CA LEU A 4 23.33 31.02 1.67
C LEU A 4 23.59 32.46 1.23
N VAL A 5 24.26 32.62 0.10
CA VAL A 5 24.64 33.92 -0.42
C VAL A 5 24.02 34.09 -1.79
N GLU A 6 22.97 34.90 -1.87
CA GLU A 6 22.31 35.20 -3.14
C GLU A 6 23.01 36.35 -3.84
N SER A 7 23.00 36.30 -5.17
CA SER A 7 23.68 37.33 -5.96
C SER A 7 23.06 37.36 -7.36
N GLY A 8 22.98 38.56 -7.92
CA GLY A 8 22.48 38.72 -9.27
C GLY A 8 21.42 39.80 -9.43
N GLY A 9 21.26 40.63 -8.41
CA GLY A 9 20.29 41.69 -8.47
C GLY A 9 20.67 42.76 -9.50
N GLY A 10 19.71 43.64 -9.75
CA GLY A 10 19.93 44.70 -10.70
C GLY A 10 18.63 45.32 -11.15
N LEU A 11 18.75 46.37 -11.97
CA LEU A 11 17.62 47.11 -12.49
C LEU A 11 17.41 46.68 -13.94
N VAL A 12 16.47 45.76 -14.15
CA VAL A 12 16.16 45.23 -15.47
C VAL A 12 14.94 45.97 -16.01
N LYS A 13 14.97 46.30 -17.30
CA LYS A 13 13.86 46.99 -17.93
C LYS A 13 12.64 46.08 -17.99
N PRO A 14 11.44 46.65 -18.11
CA PRO A 14 10.23 45.82 -18.23
C PRO A 14 10.31 44.88 -19.42
N GLY A 15 9.79 43.68 -19.24
CA GLY A 15 9.80 42.67 -20.28
C GLY A 15 11.20 42.21 -20.65
N GLY A 16 11.93 41.69 -19.68
CA GLY A 16 13.30 41.28 -19.92
C GLY A 16 13.66 39.97 -19.27
N SER A 17 14.90 39.83 -18.84
CA SER A 17 15.36 38.59 -18.21
C SER A 17 16.45 38.93 -17.18
N LEU A 18 16.60 38.03 -16.22
CA LEU A 18 17.59 38.18 -15.16
C LEU A 18 17.78 36.83 -14.48
N LYS A 19 19.02 36.50 -14.16
CA LYS A 19 19.37 35.24 -13.52
C LYS A 19 19.93 35.54 -12.13
N LEU A 20 19.42 34.82 -11.13
CA LEU A 20 19.80 35.04 -9.73
C LEU A 20 20.37 33.74 -9.17
N SER A 21 21.68 33.71 -8.98
CA SER A 21 22.32 32.55 -8.38
C SER A 21 22.28 32.64 -6.86
N CYS A 22 22.65 31.53 -6.22
CA CYS A 22 22.67 31.47 -4.75
C CYS A 22 23.71 30.44 -4.35
N ALA A 23 24.85 30.92 -3.87
CA ALA A 23 25.93 30.04 -3.46
C ALA A 23 25.63 29.45 -2.09
N ALA A 24 25.66 28.12 -1.99
CA ALA A 24 25.40 27.41 -0.76
C ALA A 24 26.69 26.85 -0.20
N SER A 25 26.80 26.86 1.13
CA SER A 25 27.98 26.33 1.80
C SER A 25 27.61 25.95 3.22
N GLY A 26 28.28 24.91 3.73
CA GLY A 26 28.11 24.48 5.10
C GLY A 26 27.16 23.33 5.32
N PHE A 27 26.63 22.73 4.26
CA PHE A 27 25.71 21.62 4.39
C PHE A 27 25.66 20.86 3.06
N ALA A 28 25.12 19.65 3.12
CA ALA A 28 24.98 18.81 1.93
C ALA A 28 23.88 19.38 1.05
N PHE A 29 24.28 20.10 -0.01
CA PHE A 29 23.31 20.75 -0.88
C PHE A 29 22.52 19.75 -1.72
N SER A 30 23.02 18.52 -1.85
CA SER A 30 22.36 17.52 -2.67
C SER A 30 21.31 16.72 -1.89
N THR A 31 21.05 17.08 -0.63
CA THR A 31 20.09 16.36 0.19
C THR A 31 18.95 17.24 0.67
N TYR A 32 18.94 18.53 0.35
CA TYR A 32 17.91 19.45 0.79
C TYR A 32 17.19 20.05 -0.41
N ASP A 33 15.87 20.18 -0.29
CA ASP A 33 15.07 20.88 -1.27
C ASP A 33 15.16 22.38 -1.01
N MET A 34 15.35 23.15 -2.08
CA MET A 34 15.51 24.59 -1.98
C MET A 34 14.32 25.30 -2.62
N SER A 35 14.14 26.56 -2.24
CA SER A 35 13.02 27.35 -2.73
C SER A 35 13.38 28.82 -2.67
N TRP A 36 12.82 29.58 -3.58
CA TRP A 36 12.99 31.03 -3.61
C TRP A 36 11.79 31.71 -2.98
N VAL A 37 12.04 32.86 -2.35
CA VAL A 37 11.01 33.63 -1.67
C VAL A 37 11.16 35.10 -2.07
N ARG A 38 10.03 35.78 -2.21
CA ARG A 38 9.99 37.19 -2.55
C ARG A 38 9.55 38.00 -1.34
N GLN A 39 9.78 39.31 -1.41
CA GLN A 39 9.31 40.23 -0.36
C GLN A 39 8.90 41.54 -1.03
N THR A 40 7.60 41.68 -1.30
CA THR A 40 7.07 42.90 -1.89
C THR A 40 7.46 44.10 -1.02
N PRO A 41 7.75 45.26 -1.63
CA PRO A 41 8.07 46.47 -0.84
C PRO A 41 7.02 46.79 0.21
N GLU A 42 5.81 46.25 0.06
CA GLU A 42 4.77 46.33 1.06
C GLU A 42 5.02 45.39 2.24
N LYS A 43 6.21 44.80 2.33
CA LYS A 43 6.57 43.88 3.40
C LYS A 43 5.64 42.68 3.44
N ARG A 44 5.38 42.13 2.23
CA ARG A 44 4.52 40.93 2.13
C ARG A 44 5.31 39.83 1.43
N LEU A 45 5.74 38.82 2.17
CA LEU A 45 6.47 37.69 1.61
C LEU A 45 5.58 36.91 0.63
N GLU A 46 6.24 36.17 -0.26
CA GLU A 46 5.52 35.40 -1.26
C GLU A 46 6.43 34.29 -1.79
N TRP A 47 5.85 33.14 -2.07
CA TRP A 47 6.58 32.03 -2.66
C TRP A 47 6.63 32.20 -4.17
N VAL A 48 7.82 31.99 -4.75
CA VAL A 48 8.02 32.15 -6.18
C VAL A 48 8.40 30.84 -6.86
N ALA A 49 9.24 30.03 -6.23
CA ALA A 49 9.69 28.80 -6.87
C ALA A 49 10.18 27.82 -5.82
N THR A 50 10.25 26.55 -6.24
CA THR A 50 10.84 25.50 -5.43
C THR A 50 11.31 24.39 -6.36
N ILE A 51 12.34 23.66 -5.93
CA ILE A 51 12.95 22.61 -6.73
C ILE A 51 13.33 21.44 -5.83
N SER A 52 13.29 20.24 -6.39
CA SER A 52 13.69 19.05 -5.65
C SER A 52 15.20 19.07 -5.43
N SER A 53 15.64 18.17 -4.53
CA SER A 53 17.06 18.08 -4.22
C SER A 53 17.89 17.50 -5.36
N GLY A 54 17.25 17.04 -6.42
CA GLY A 54 17.97 16.50 -7.56
C GLY A 54 17.71 17.31 -8.83
N GLY A 55 16.66 18.10 -8.82
CA GLY A 55 16.32 18.96 -9.95
C GLY A 55 15.21 18.45 -10.85
N SER A 56 14.59 17.32 -10.51
CA SER A 56 13.55 16.77 -11.38
C SER A 56 12.20 17.43 -11.13
N TYR A 57 11.88 17.73 -9.89
CA TYR A 57 10.57 18.28 -9.52
C TYR A 57 10.67 19.79 -9.34
N THR A 58 9.65 20.49 -9.84
CA THR A 58 9.56 21.94 -9.72
C THR A 58 8.11 22.34 -9.53
N TYR A 59 7.89 23.41 -8.78
CA TYR A 59 6.55 23.95 -8.57
C TYR A 59 6.62 25.47 -8.57
N TYR A 60 5.73 26.09 -9.33
CA TYR A 60 5.64 27.53 -9.43
C TYR A 60 4.21 27.95 -9.16
N PRO A 61 3.98 28.97 -8.32
CA PRO A 61 2.62 29.49 -8.15
C PRO A 61 2.09 30.07 -9.46
N ASP A 62 0.77 30.20 -9.52
CA ASP A 62 0.12 30.66 -10.75
C ASP A 62 0.57 32.06 -11.14
N SER A 63 0.98 32.88 -10.17
CA SER A 63 1.47 34.21 -10.49
C SER A 63 2.84 34.18 -11.15
N VAL A 64 3.54 33.06 -11.10
CA VAL A 64 4.91 32.96 -11.58
C VAL A 64 5.00 31.85 -12.62
N LYS A 65 4.10 30.88 -12.54
CA LYS A 65 4.12 29.73 -13.43
C LYS A 65 4.10 30.15 -14.89
N GLY A 66 5.08 29.66 -15.65
CA GLY A 66 5.21 29.93 -17.07
C GLY A 66 6.35 30.86 -17.42
N ARG A 67 6.72 31.76 -16.50
CA ARG A 67 7.77 32.75 -16.76
C ARG A 67 9.10 32.33 -16.15
N PHE A 68 9.15 32.15 -14.84
CA PHE A 68 10.40 31.90 -14.15
C PHE A 68 10.74 30.41 -14.18
N THR A 69 12.03 30.11 -14.15
CA THR A 69 12.53 28.75 -14.13
C THR A 69 13.60 28.62 -13.07
N ILE A 70 13.52 27.57 -12.26
CA ILE A 70 14.44 27.36 -11.16
C ILE A 70 15.29 26.14 -11.47
N SER A 71 16.61 26.32 -11.50
CA SER A 71 17.56 25.27 -11.81
C SER A 71 18.35 24.91 -10.56
N ARG A 72 19.31 24.01 -10.72
CA ARG A 72 20.08 23.51 -9.58
C ARG A 72 21.35 22.86 -10.10
N ASP A 73 22.50 23.32 -9.60
CA ASP A 73 23.79 22.71 -9.88
C ASP A 73 24.36 22.18 -8.58
N ASN A 74 24.40 20.85 -8.44
CA ASN A 74 24.84 20.24 -7.19
C ASN A 74 26.34 20.09 -7.11
N ALA A 75 27.03 19.92 -8.24
CA ALA A 75 28.48 19.81 -8.22
C ALA A 75 29.14 21.12 -7.81
N ARG A 76 28.54 22.25 -8.20
CA ARG A 76 29.06 23.56 -7.85
C ARG A 76 28.37 24.16 -6.63
N ASN A 77 27.37 23.48 -6.09
CA ASN A 77 26.57 23.98 -4.96
C ASN A 77 26.01 25.37 -5.27
N THR A 78 25.21 25.44 -6.33
CA THR A 78 24.59 26.68 -6.75
C THR A 78 23.11 26.42 -7.05
N LEU A 79 22.30 27.47 -6.88
CA LEU A 79 20.87 27.43 -7.15
C LEU A 79 20.50 28.66 -7.96
N TYR A 80 19.77 28.46 -9.04
CA TYR A 80 19.50 29.53 -9.99
C TYR A 80 18.02 29.85 -10.06
N LEU A 81 17.71 30.99 -10.65
CA LEU A 81 16.34 31.42 -10.91
C LEU A 81 16.36 32.24 -12.19
N GLN A 82 16.01 31.61 -13.30
CA GLN A 82 16.03 32.27 -14.61
C GLN A 82 14.68 32.94 -14.85
N MET A 83 14.67 34.26 -14.87
CA MET A 83 13.44 35.02 -15.05
C MET A 83 13.15 35.24 -16.53
N SER A 84 11.88 35.51 -16.81
CA SER A 84 11.40 35.77 -18.17
C SER A 84 10.69 37.11 -18.12
N SER A 85 9.92 37.41 -19.17
CA SER A 85 9.22 38.69 -19.30
C SER A 85 8.62 39.14 -17.99
N LEU A 86 9.07 40.31 -17.53
CA LEU A 86 8.82 40.81 -16.19
C LEU A 86 7.81 41.95 -16.22
N ARG A 87 7.49 42.43 -15.02
CA ARG A 87 6.61 43.58 -14.87
C ARG A 87 6.91 44.23 -13.53
N SER A 88 6.39 45.46 -13.36
CA SER A 88 6.62 46.21 -12.13
C SER A 88 6.19 45.45 -10.88
N GLU A 89 5.28 44.49 -11.02
CA GLU A 89 4.83 43.68 -9.89
C GLU A 89 5.87 42.70 -9.39
N ASP A 90 7.07 42.68 -9.98
CA ASP A 90 8.13 41.76 -9.57
C ASP A 90 9.32 42.47 -8.94
N THR A 91 9.21 43.78 -8.70
CA THR A 91 10.30 44.52 -8.05
C THR A 91 10.24 44.25 -6.55
N ALA A 92 11.14 43.40 -6.06
CA ALA A 92 11.13 43.01 -4.66
C ALA A 92 12.48 42.41 -4.31
N LEU A 93 12.65 42.10 -3.03
CA LEU A 93 13.88 41.49 -2.52
C LEU A 93 13.68 39.99 -2.47
N TYR A 94 14.54 39.26 -3.18
CA TYR A 94 14.43 37.82 -3.31
C TYR A 94 15.37 37.12 -2.34
N TYR A 95 14.89 36.04 -1.72
CA TYR A 95 15.65 35.29 -0.74
C TYR A 95 15.74 33.84 -1.16
N CYS A 96 16.90 33.23 -0.88
CA CYS A 96 17.11 31.80 -1.09
C CYS A 96 17.07 31.10 0.25
N ALA A 97 16.09 30.20 0.42
CA ALA A 97 15.92 29.47 1.67
C ALA A 97 15.73 27.99 1.37
N ARG A 98 15.96 27.17 2.40
CA ARG A 98 15.77 25.74 2.28
C ARG A 98 14.30 25.38 2.49
N GLY A 99 13.91 24.22 1.98
CA GLY A 99 12.55 23.77 2.10
C GLY A 99 11.92 23.40 0.78
N GLY A 100 11.10 22.34 0.78
CA GLY A 100 10.44 21.89 -0.42
C GLY A 100 9.50 20.74 -0.16
N PRO A 101 8.43 20.64 -0.95
CA PRO A 101 7.44 19.58 -0.73
C PRO A 101 7.77 18.27 -1.42
N TYR A 102 9.01 18.11 -1.86
CA TYR A 102 9.43 16.93 -2.61
C TYR A 102 10.47 16.12 -1.84
N ASP A 103 10.26 15.98 -0.53
CA ASP A 103 11.18 15.23 0.32
C ASP A 103 10.38 14.49 1.37
N TYR A 104 10.56 13.17 1.43
CA TYR A 104 9.84 12.36 2.41
C TYR A 104 10.31 12.62 3.84
N ASP A 105 11.53 13.14 4.01
CA ASP A 105 12.05 13.50 5.32
C ASP A 105 12.05 15.00 5.54
N GLY A 106 11.22 15.74 4.81
CA GLY A 106 11.12 17.18 4.96
C GLY A 106 10.35 17.57 6.21
N SER A 107 9.68 18.72 6.12
CA SER A 107 8.84 19.31 7.16
C SER A 107 9.64 19.75 8.39
N PHE A 108 10.95 19.52 8.41
CA PHE A 108 11.81 19.96 9.50
C PHE A 108 12.66 21.16 9.12
N TYR A 109 13.30 21.11 7.95
CA TYR A 109 14.09 22.22 7.44
C TYR A 109 13.28 23.15 6.56
N THR A 110 11.96 23.16 6.69
CA THR A 110 11.10 24.02 5.89
C THR A 110 11.33 25.46 6.32
N MET A 111 12.05 26.21 5.48
CA MET A 111 12.34 27.63 5.72
C MET A 111 13.08 27.84 7.03
N ASP A 112 14.18 27.10 7.19
CA ASP A 112 14.98 27.13 8.41
C ASP A 112 16.18 28.06 8.32
N TYR A 113 16.83 28.14 7.15
CA TYR A 113 18.00 28.99 6.95
C TYR A 113 17.78 29.79 5.68
N TRP A 114 17.48 31.08 5.83
CA TRP A 114 17.31 31.99 4.72
C TRP A 114 18.66 32.59 4.33
N GLY A 115 18.66 33.38 3.26
CA GLY A 115 19.85 34.02 2.76
C GLY A 115 19.98 35.45 3.25
N GLN A 116 20.62 36.28 2.42
CA GLN A 116 20.82 37.70 2.73
C GLN A 116 19.81 38.59 2.01
N GLY A 117 19.55 38.34 0.74
CA GLY A 117 18.55 39.08 0.01
C GLY A 117 19.09 39.92 -1.12
N THR A 118 18.84 39.50 -2.36
CA THR A 118 19.16 40.32 -3.52
C THR A 118 18.08 41.38 -3.69
N SER A 119 18.12 42.11 -4.79
CA SER A 119 17.15 43.17 -5.03
C SER A 119 16.98 43.36 -6.52
N VAL A 120 15.78 43.05 -7.02
CA VAL A 120 15.44 43.25 -8.42
C VAL A 120 14.53 44.47 -8.52
N THR A 121 14.65 45.20 -9.63
CA THR A 121 13.87 46.41 -9.85
C THR A 121 13.46 46.46 -11.31
N VAL A 122 12.16 46.38 -11.56
CA VAL A 122 11.62 46.40 -12.91
C VAL A 122 10.97 47.76 -13.14
N SER A 123 11.64 48.62 -13.89
CA SER A 123 11.14 49.96 -14.16
C SER A 123 11.95 50.56 -15.31
N SER A 124 11.63 51.80 -15.66
CA SER A 124 12.35 52.51 -16.71
C SER A 124 12.79 53.89 -16.23
N ASP B 1 -5.85 29.02 -2.50
CA ASP B 1 -4.79 29.50 -1.63
C ASP B 1 -5.28 29.67 -0.21
N ILE B 2 -4.51 29.16 0.76
CA ILE B 2 -4.86 29.23 2.17
C ILE B 2 -4.41 30.60 2.68
N GLN B 3 -5.35 31.54 2.77
CA GLN B 3 -5.02 32.87 3.28
C GLN B 3 -4.86 32.81 4.79
N MET B 4 -3.71 33.30 5.27
CA MET B 4 -3.41 33.33 6.70
C MET B 4 -3.39 34.78 7.17
N THR B 5 -4.13 35.05 8.24
CA THR B 5 -4.35 36.41 8.72
C THR B 5 -3.73 36.59 10.09
N GLN B 6 -2.73 37.47 10.18
CA GLN B 6 -2.17 37.85 11.47
C GLN B 6 -3.04 38.92 12.10
N SER B 7 -3.44 38.69 13.37
CA SER B 7 -4.40 39.60 13.98
C SER B 7 -3.81 40.98 14.25
N PRO B 8 -2.74 41.13 15.05
CA PRO B 8 -2.21 42.48 15.27
C PRO B 8 -1.16 42.86 14.24
N SER B 9 -1.39 43.95 13.52
CA SER B 9 -0.38 44.45 12.61
C SER B 9 0.76 45.16 13.34
N SER B 10 0.54 45.56 14.60
CA SER B 10 1.54 46.23 15.39
C SER B 10 1.10 46.20 16.85
N LEU B 11 2.05 45.96 17.75
CA LEU B 11 1.77 45.87 19.18
C LEU B 11 2.91 46.53 19.95
N SER B 12 2.58 47.53 20.74
CA SER B 12 3.56 48.20 21.59
C SER B 12 3.62 47.54 22.95
N ALA B 13 4.81 47.55 23.54
CA ALA B 13 5.02 46.93 24.85
C ALA B 13 6.22 47.60 25.51
N SER B 14 6.62 47.08 26.66
CA SER B 14 7.80 47.54 27.38
C SER B 14 8.58 46.33 27.85
N LEU B 15 9.90 46.50 27.95
CA LEU B 15 10.80 45.40 28.29
C LEU B 15 10.37 44.71 29.57
N GLY B 16 9.95 43.45 29.47
CA GLY B 16 9.51 42.67 30.60
C GLY B 16 8.07 42.18 30.49
N GLU B 17 7.27 42.75 29.59
CA GLU B 17 5.88 42.35 29.46
C GLU B 17 5.78 40.98 28.77
N ARG B 18 4.55 40.54 28.56
CA ARG B 18 4.26 39.29 27.87
C ARG B 18 3.30 39.58 26.72
N VAL B 19 3.78 39.42 25.50
CA VAL B 19 2.97 39.67 24.31
C VAL B 19 2.64 38.34 23.64
N SER B 20 1.68 38.38 22.71
CA SER B 20 1.28 37.21 21.97
C SER B 20 0.69 37.65 20.64
N LEU B 21 1.05 36.95 19.57
CA LEU B 21 0.61 37.28 18.22
C LEU B 21 -0.04 36.06 17.60
N THR B 22 -1.28 36.20 17.15
CA THR B 22 -2.03 35.10 16.57
C THR B 22 -2.07 35.21 15.05
N CYS B 23 -2.34 34.09 14.41
CA CYS B 23 -2.35 34.00 12.95
C CYS B 23 -3.29 32.86 12.56
N ARG B 24 -4.48 33.21 12.09
CA ARG B 24 -5.52 32.23 11.78
C ARG B 24 -5.43 31.77 10.34
N ALA B 25 -5.89 30.55 10.09
CA ALA B 25 -5.87 29.95 8.76
C ALA B 25 -7.29 29.84 8.22
N SER B 26 -7.38 29.78 6.89
CA SER B 26 -8.66 29.66 6.22
C SER B 26 -9.15 28.22 6.11
N GLN B 27 -8.24 27.25 6.18
CA GLN B 27 -8.62 25.84 6.17
C GLN B 27 -7.65 25.08 7.07
N ASP B 28 -7.94 23.79 7.24
CA ASP B 28 -7.14 22.96 8.14
C ASP B 28 -5.71 22.85 7.61
N ILE B 29 -4.75 23.24 8.45
CA ILE B 29 -3.33 23.14 8.11
C ILE B 29 -2.56 22.24 9.05
N GLY B 30 -3.18 21.75 10.12
CA GLY B 30 -2.49 20.87 11.04
C GLY B 30 -1.37 21.58 11.78
N SER B 31 -0.36 20.81 12.16
CA SER B 31 0.81 21.35 12.85
C SER B 31 1.92 21.69 11.84
N ARG B 32 1.56 22.56 10.90
CA ARG B 32 2.47 22.98 9.83
C ARG B 32 2.49 24.50 9.71
N LEU B 33 2.60 25.18 10.84
CA LEU B 33 2.72 26.63 10.87
C LEU B 33 4.04 26.99 11.54
N ASN B 34 4.86 27.77 10.84
CA ASN B 34 6.15 28.21 11.35
C ASN B 34 6.09 29.69 11.71
N TRP B 35 7.17 30.16 12.33
CA TRP B 35 7.28 31.56 12.71
C TRP B 35 8.67 32.07 12.34
N LEU B 36 8.71 33.30 11.84
CA LEU B 36 9.95 33.92 11.39
C LEU B 36 10.15 35.24 12.12
N GLN B 37 11.34 35.81 11.96
CA GLN B 37 11.70 37.07 12.59
C GLN B 37 12.68 37.79 11.69
N GLN B 38 12.26 38.95 11.17
CA GLN B 38 13.07 39.73 10.24
C GLN B 38 13.69 40.91 10.99
N GLU B 39 15.02 40.94 11.02
CA GLU B 39 15.76 41.99 11.70
C GLU B 39 15.75 43.26 10.85
N PRO B 40 16.18 44.40 11.41
CA PRO B 40 16.16 45.64 10.61
C PRO B 40 17.06 45.59 9.39
N ASP B 41 18.19 44.87 9.46
CA ASP B 41 19.05 44.76 8.30
C ASP B 41 18.40 43.94 7.19
N GLY B 42 17.55 42.98 7.55
CA GLY B 42 16.84 42.19 6.56
C GLY B 42 17.18 40.71 6.58
N THR B 43 17.53 40.18 7.74
CA THR B 43 17.81 38.77 7.90
C THR B 43 16.62 38.07 8.52
N ILE B 44 16.22 36.95 7.93
CA ILE B 44 15.09 36.16 8.41
C ILE B 44 15.62 34.94 9.15
N LYS B 45 15.05 34.65 10.30
CA LYS B 45 15.41 33.48 11.09
C LYS B 45 14.14 32.81 11.59
N ARG B 46 14.15 31.47 11.62
CA ARG B 46 12.99 30.69 12.02
C ARG B 46 13.07 30.44 13.52
N LEU B 47 12.02 30.84 14.24
CA LEU B 47 11.97 30.67 15.69
C LEU B 47 11.27 29.36 16.07
N ILE B 48 10.02 29.22 15.66
CA ILE B 48 9.20 28.07 16.02
C ILE B 48 8.76 27.35 14.74
N TYR B 49 8.84 26.03 14.75
CA TYR B 49 8.35 25.21 13.65
C TYR B 49 7.41 24.15 14.20
N ALA B 50 6.45 23.74 13.36
CA ALA B 50 5.37 22.84 13.74
C ALA B 50 4.52 23.38 14.89
N THR B 51 4.57 24.69 15.10
CA THR B 51 3.71 25.43 16.02
C THR B 51 4.06 25.17 17.49
N SER B 52 4.97 24.25 17.75
CA SER B 52 5.32 23.93 19.13
C SER B 52 6.78 23.61 19.36
N SER B 53 7.63 23.68 18.35
CA SER B 53 9.04 23.30 18.48
C SER B 53 9.92 24.51 18.21
N LEU B 54 10.83 24.78 19.14
CA LEU B 54 11.75 25.91 19.01
C LEU B 54 13.01 25.47 18.28
N ASP B 55 13.50 26.35 17.40
CA ASP B 55 14.73 26.06 16.68
C ASP B 55 15.91 26.02 17.64
N SER B 56 16.86 25.13 17.36
CA SER B 56 18.05 24.99 18.19
C SER B 56 18.84 26.30 18.22
N GLY B 57 18.91 26.93 19.39
CA GLY B 57 19.61 28.18 19.55
C GLY B 57 18.71 29.37 19.85
N VAL B 58 17.41 29.17 19.97
CA VAL B 58 16.47 30.26 20.25
C VAL B 58 16.21 30.30 21.76
N PRO B 59 16.03 31.48 22.35
CA PRO B 59 15.80 31.56 23.79
C PRO B 59 14.49 30.89 24.18
N LYS B 60 14.41 30.53 25.47
CA LYS B 60 13.21 29.88 26.01
C LYS B 60 12.06 30.84 26.22
N ARG B 61 12.22 32.12 25.87
CA ARG B 61 11.15 33.09 26.02
C ARG B 61 10.08 32.96 24.94
N PHE B 62 10.34 32.20 23.88
CA PHE B 62 9.37 31.98 22.82
C PHE B 62 8.62 30.69 23.05
N SER B 63 7.31 30.72 22.80
CA SER B 63 6.46 29.55 22.99
C SER B 63 5.30 29.62 22.02
N GLY B 64 5.15 28.58 21.20
CA GLY B 64 4.05 28.49 20.27
C GLY B 64 3.01 27.50 20.74
N SER B 65 1.76 27.77 20.38
CA SER B 65 0.65 26.89 20.76
C SER B 65 -0.44 26.99 19.72
N ARG B 66 -1.46 26.16 19.89
CA ARG B 66 -2.63 26.15 19.01
C ARG B 66 -3.88 25.99 19.86
N SER B 67 -4.86 26.87 19.64
CA SER B 67 -6.15 26.81 20.32
C SER B 67 -7.22 26.89 19.23
N GLY B 68 -7.58 25.75 18.67
CA GLY B 68 -8.54 25.75 17.58
C GLY B 68 -7.85 26.08 16.27
N SER B 69 -8.43 27.04 15.54
CA SER B 69 -7.85 27.51 14.29
C SER B 69 -6.85 28.64 14.49
N TYR B 70 -6.65 29.09 15.72
CA TYR B 70 -5.76 30.21 16.01
C TYR B 70 -4.39 29.67 16.41
N TYR B 71 -3.36 30.08 15.69
CA TYR B 71 -1.98 29.69 15.95
C TYR B 71 -1.23 30.90 16.52
N SER B 72 -0.80 30.79 17.77
CA SER B 72 -0.26 31.93 18.51
C SER B 72 1.21 31.72 18.86
N LEU B 73 1.97 32.81 18.82
CA LEU B 73 3.36 32.83 19.24
C LEU B 73 3.48 33.79 20.42
N THR B 74 3.94 33.29 21.55
CA THR B 74 3.99 34.06 22.79
C THR B 74 5.43 34.34 23.18
N ILE B 75 5.71 35.61 23.53
CA ILE B 75 7.00 36.03 24.05
C ILE B 75 6.81 36.29 25.53
N SER B 76 7.32 35.39 26.36
CA SER B 76 7.06 35.45 27.80
C SER B 76 7.62 36.73 28.41
N SER B 77 8.94 36.90 28.35
CA SER B 77 9.61 38.08 28.89
C SER B 77 10.34 38.77 27.73
N LEU B 78 9.87 39.96 27.37
CA LEU B 78 10.45 40.67 26.24
C LEU B 78 11.80 41.27 26.61
N GLU B 79 12.81 40.98 25.80
CA GLU B 79 14.12 41.59 25.92
C GLU B 79 14.25 42.69 24.86
N SER B 80 15.47 43.24 24.73
CA SER B 80 15.66 44.35 23.79
C SER B 80 15.64 43.88 22.35
N GLU B 81 16.27 42.74 22.05
CA GLU B 81 16.34 42.24 20.69
C GLU B 81 15.13 41.35 20.36
N ASP B 82 13.93 41.87 20.61
CA ASP B 82 12.69 41.16 20.29
C ASP B 82 11.62 42.13 19.79
N PHE B 83 12.02 43.21 19.14
CA PHE B 83 11.12 44.28 18.73
C PHE B 83 11.27 44.58 17.25
N VAL B 84 11.27 43.55 16.40
CA VAL B 84 11.59 43.79 15.00
C VAL B 84 10.43 43.46 14.07
N ASP B 85 10.06 42.18 13.97
CA ASP B 85 9.03 41.73 13.03
C ASP B 85 8.77 40.23 13.19
N TYR B 86 7.57 39.78 12.83
CA TYR B 86 7.23 38.37 12.94
C TYR B 86 6.24 38.00 11.85
N TYR B 87 6.49 36.86 11.20
CA TYR B 87 5.65 36.33 10.14
C TYR B 87 5.26 34.90 10.45
N CYS B 88 4.07 34.51 10.02
CA CYS B 88 3.63 33.12 10.10
C CYS B 88 3.61 32.50 8.71
N LEU B 89 4.21 31.33 8.57
CA LEU B 89 4.28 30.60 7.32
C LEU B 89 3.58 29.27 7.48
N GLN B 90 2.66 28.96 6.56
CA GLN B 90 1.98 27.68 6.54
C GLN B 90 2.44 26.88 5.34
N TYR B 91 2.61 25.58 5.53
CA TYR B 91 3.09 24.70 4.46
C TYR B 91 2.29 23.41 4.41
N ALA B 92 0.97 23.52 4.55
CA ALA B 92 0.08 22.38 4.40
C ALA B 92 -0.51 22.28 3.00
N GLY B 93 -0.96 23.40 2.44
CA GLY B 93 -1.35 23.43 1.05
C GLY B 93 -0.15 23.64 0.17
N PHE B 94 -0.37 23.57 -1.14
CA PHE B 94 0.77 23.71 -2.05
C PHE B 94 1.18 25.16 -2.25
N PRO B 95 0.24 26.11 -2.44
CA PRO B 95 0.65 27.52 -2.48
C PRO B 95 1.02 28.02 -1.10
N TRP B 96 2.26 27.77 -0.65
CA TRP B 96 2.70 28.16 0.67
C TRP B 96 2.56 29.66 0.87
N THR B 97 1.65 30.06 1.75
CA THR B 97 1.37 31.47 2.00
C THR B 97 1.96 31.91 3.33
N PHE B 98 2.24 33.21 3.42
CA PHE B 98 2.79 33.81 4.62
C PHE B 98 1.82 34.87 5.14
N GLY B 99 2.05 35.30 6.38
CA GLY B 99 1.19 36.27 7.01
C GLY B 99 1.40 37.68 6.51
N GLY B 100 1.27 38.66 7.38
CA GLY B 100 1.36 40.05 6.96
C GLY B 100 2.12 40.94 7.93
N GLY B 101 3.00 40.35 8.74
CA GLY B 101 3.83 41.14 9.62
C GLY B 101 3.15 41.54 10.91
N THR B 102 3.89 41.46 12.00
CA THR B 102 3.41 41.81 13.34
C THR B 102 4.44 42.69 14.04
N LYS B 103 4.92 43.70 13.34
CA LYS B 103 5.99 44.58 13.83
C LYS B 103 5.70 45.08 15.23
N LEU B 104 6.55 44.69 16.17
CA LEU B 104 6.41 45.09 17.57
C LEU B 104 7.25 46.32 17.86
N GLU B 105 6.68 47.27 18.57
CA GLU B 105 7.34 48.52 18.92
C GLU B 105 7.40 48.68 20.43
N ILE B 106 8.08 49.74 20.86
CA ILE B 106 8.26 50.03 22.28
C ILE B 106 7.46 51.28 22.64
N LYS B 107 7.13 51.39 23.92
CA LYS B 107 6.38 52.55 24.41
C LYS B 107 7.10 53.19 25.59
N THR C 24 -29.27 -33.69 17.10
CA THR C 24 -30.05 -33.81 15.89
C THR C 24 -29.66 -35.06 15.09
N ILE C 25 -30.08 -35.11 13.84
CA ILE C 25 -29.77 -36.24 12.97
C ILE C 25 -28.89 -35.84 11.78
N ASN C 26 -28.83 -34.57 11.42
CA ASN C 26 -27.88 -34.03 10.46
C ASN C 26 -27.99 -34.74 9.10
N PHE C 27 -29.15 -34.54 8.46
CA PHE C 27 -29.35 -34.98 7.08
C PHE C 27 -28.98 -33.82 6.16
N THR C 28 -27.68 -33.63 5.99
CA THR C 28 -27.16 -32.50 5.22
C THR C 28 -26.02 -32.99 4.33
N ASN C 29 -25.56 -32.09 3.47
CA ASN C 29 -24.41 -32.34 2.59
C ASN C 29 -24.65 -33.54 1.68
N ILE C 30 -25.87 -33.65 1.16
CA ILE C 30 -26.23 -34.69 0.21
C ILE C 30 -26.19 -34.09 -1.20
N ASN C 31 -25.72 -34.87 -2.16
CA ASN C 31 -25.60 -34.45 -3.54
C ASN C 31 -26.67 -35.15 -4.37
N TYR C 32 -27.51 -34.36 -5.04
CA TYR C 32 -28.64 -34.89 -5.78
C TYR C 32 -28.41 -34.92 -7.29
N TYR C 33 -27.19 -34.71 -7.73
CA TYR C 33 -26.89 -34.67 -9.16
C TYR C 33 -25.64 -35.48 -9.43
N LYS C 34 -25.47 -35.86 -10.69
CA LYS C 34 -24.36 -36.73 -11.06
C LYS C 34 -23.06 -35.98 -11.27
N ASP C 35 -23.12 -34.66 -11.44
CA ASP C 35 -21.93 -33.84 -11.60
C ASP C 35 -21.46 -33.37 -10.24
N SER C 36 -20.18 -33.63 -9.93
CA SER C 36 -19.66 -33.39 -8.58
C SER C 36 -19.62 -31.92 -8.22
N TYR C 37 -19.69 -31.00 -9.19
CA TYR C 37 -19.63 -29.58 -8.88
C TYR C 37 -20.97 -28.99 -8.51
N ALA C 38 -22.05 -29.78 -8.56
CA ALA C 38 -23.34 -29.31 -8.09
C ALA C 38 -23.47 -29.36 -6.59
N ALA C 39 -22.53 -29.99 -5.89
CA ALA C 39 -22.63 -30.15 -4.45
C ALA C 39 -22.48 -28.80 -3.74
N SER C 40 -22.75 -28.82 -2.44
CA SER C 40 -22.62 -27.63 -1.62
C SER C 40 -21.14 -27.30 -1.42
N ALA C 41 -20.89 -26.22 -0.68
CA ALA C 41 -19.52 -25.77 -0.47
C ALA C 41 -18.75 -26.75 0.41
N SER C 42 -17.43 -26.72 0.27
CA SER C 42 -16.54 -27.58 1.05
C SER C 42 -16.12 -26.81 2.29
N ARG C 43 -16.76 -27.12 3.42
CA ARG C 43 -16.59 -26.35 4.64
C ARG C 43 -16.11 -27.19 5.81
N GLN C 44 -15.62 -28.40 5.56
CA GLN C 44 -15.19 -29.31 6.62
C GLN C 44 -13.67 -29.43 6.70
N ASP C 45 -12.94 -28.45 6.18
CA ASP C 45 -11.48 -28.48 6.19
C ASP C 45 -10.99 -27.05 6.38
N PHE C 46 -10.69 -26.69 7.63
CA PHE C 46 -10.10 -25.39 7.96
C PHE C 46 -8.62 -25.62 8.23
N ALA C 47 -7.81 -25.49 7.19
CA ALA C 47 -6.38 -25.63 7.30
C ALA C 47 -5.73 -24.27 7.50
N GLN C 48 -4.68 -24.25 8.31
CA GLN C 48 -3.91 -23.03 8.58
C GLN C 48 -2.43 -23.33 8.42
N ASP C 49 -1.73 -22.45 7.71
CA ASP C 49 -0.29 -22.60 7.49
C ASP C 49 0.30 -21.25 7.12
N PRO C 50 0.54 -20.36 8.10
CA PRO C 50 1.00 -19.02 7.78
C PRO C 50 2.50 -18.89 7.57
N ALA C 51 3.28 -19.92 7.90
CA ALA C 51 4.73 -19.82 7.84
C ALA C 51 5.24 -19.47 6.45
N LYS C 52 4.48 -19.77 5.39
CA LYS C 52 4.92 -19.46 4.05
C LYS C 52 4.76 -17.99 3.69
N PHE C 53 4.09 -17.22 4.52
CA PHE C 53 4.01 -15.77 4.37
C PHE C 53 4.68 -15.02 5.51
N THR C 54 4.68 -15.58 6.72
CA THR C 54 5.21 -14.89 7.88
C THR C 54 6.71 -15.12 8.08
N ARG C 55 7.22 -16.29 7.74
CA ARG C 55 8.64 -16.60 7.86
C ARG C 55 9.12 -17.31 6.60
N PRO C 56 9.14 -16.61 5.46
CA PRO C 56 9.59 -17.24 4.20
C PRO C 56 11.09 -17.10 3.98
N VAL C 57 11.87 -17.66 4.90
CA VAL C 57 13.31 -17.48 4.89
C VAL C 57 14.00 -18.84 4.91
N LEU C 58 15.29 -18.83 4.54
CA LEU C 58 16.05 -20.07 4.44
C LEU C 58 16.61 -20.50 5.79
N ASP C 59 17.04 -19.56 6.61
CA ASP C 59 17.60 -19.84 7.91
C ASP C 59 16.56 -19.62 8.98
N ALA C 60 16.21 -20.69 9.71
CA ALA C 60 15.25 -20.58 10.80
C ALA C 60 15.87 -19.81 11.96
N ILE C 61 15.15 -18.80 12.44
CA ILE C 61 15.63 -17.94 13.51
C ILE C 61 14.79 -18.19 14.75
N ARG C 62 15.41 -18.73 15.78
CA ARG C 62 14.71 -18.97 17.04
C ARG C 62 14.29 -17.64 17.67
N GLU C 63 13.21 -17.70 18.46
CA GLU C 63 12.67 -16.47 19.03
C GLU C 63 13.61 -15.86 20.05
N ALA C 64 14.31 -16.68 20.82
CA ALA C 64 15.17 -16.19 21.88
C ALA C 64 16.50 -15.66 21.36
N ALA C 65 16.89 -15.98 20.13
CA ALA C 65 18.18 -15.59 19.60
C ALA C 65 18.10 -14.27 18.87
N ALA C 66 19.20 -13.53 18.93
CA ALA C 66 19.34 -12.32 18.12
C ALA C 66 19.39 -12.73 16.65
N PRO C 67 18.53 -12.18 15.80
CA PRO C 67 18.40 -12.72 14.44
C PRO C 67 19.64 -12.59 13.58
N LEU C 68 20.24 -11.40 13.54
CA LEU C 68 21.43 -11.15 12.73
C LEU C 68 22.65 -11.26 13.63
N GLN C 69 23.41 -12.33 13.46
CA GLN C 69 24.61 -12.55 14.23
C GLN C 69 25.64 -13.34 13.43
N CYS D 7 23.32 -21.63 14.98
CA CYS D 7 22.31 -22.65 15.27
C CYS D 7 20.90 -22.12 15.00
N GLY D 8 20.56 -21.02 15.66
CA GLY D 8 19.25 -20.42 15.50
C GLY D 8 19.31 -18.98 15.05
N TYR D 9 20.43 -18.59 14.46
CA TYR D 9 20.65 -17.24 13.95
C TYR D 9 20.87 -17.30 12.44
N SER D 10 21.05 -16.13 11.84
CA SER D 10 21.34 -16.01 10.41
C SER D 10 22.69 -15.33 10.26
N ASP D 11 23.64 -16.05 9.67
CA ASP D 11 24.96 -15.48 9.46
C ASP D 11 24.89 -14.34 8.46
N ARG D 12 25.82 -13.40 8.58
CA ARG D 12 25.80 -12.20 7.75
C ARG D 12 26.65 -12.34 6.50
N VAL D 13 27.55 -13.32 6.46
CA VAL D 13 28.33 -13.60 5.27
C VAL D 13 27.59 -14.63 4.44
N ALA D 14 27.60 -14.44 3.13
CA ALA D 14 26.86 -15.33 2.23
C ALA D 14 27.57 -15.40 0.89
N GLN D 15 27.56 -16.58 0.29
CA GLN D 15 28.12 -16.79 -1.03
C GLN D 15 27.11 -17.54 -1.88
N LEU D 16 26.76 -16.97 -3.03
CA LEU D 16 25.74 -17.52 -3.92
C LEU D 16 26.42 -17.89 -5.23
N THR D 17 26.59 -19.20 -5.47
CA THR D 17 27.29 -19.70 -6.64
C THR D 17 26.32 -20.56 -7.47
N VAL D 18 25.96 -20.07 -8.65
CA VAL D 18 25.19 -20.84 -9.61
C VAL D 18 25.81 -20.64 -10.99
N GLY D 19 26.10 -21.74 -11.67
CA GLY D 19 26.70 -21.66 -12.99
C GLY D 19 28.16 -21.32 -12.90
N ASN D 20 28.59 -20.32 -13.66
CA ASN D 20 29.96 -19.83 -13.61
C ASN D 20 30.06 -18.50 -12.87
N SER D 21 29.06 -18.15 -12.07
CA SER D 21 29.01 -16.89 -11.37
C SER D 21 28.99 -17.14 -9.87
N THR D 22 29.62 -16.24 -9.12
CA THR D 22 29.62 -16.28 -7.67
C THR D 22 29.37 -14.87 -7.16
N ILE D 23 28.45 -14.75 -6.20
CA ILE D 23 28.15 -13.48 -5.56
C ILE D 23 28.49 -13.60 -4.08
N THR D 24 29.30 -12.66 -3.59
CA THR D 24 29.67 -12.60 -2.19
C THR D 24 29.01 -11.39 -1.53
N THR D 25 28.63 -11.56 -0.27
CA THR D 25 28.11 -10.48 0.55
C THR D 25 28.57 -10.69 1.98
N GLN D 26 29.01 -9.61 2.61
CA GLN D 26 29.47 -9.69 3.99
C GLN D 26 28.50 -9.06 4.99
N GLU D 27 27.42 -8.45 4.52
CA GLU D 27 26.43 -7.83 5.39
C GLU D 27 25.03 -8.22 4.94
N ALA D 28 24.81 -9.52 4.72
CA ALA D 28 23.50 -10.00 4.33
C ALA D 28 22.62 -10.17 5.55
N ALA D 29 21.30 -10.11 5.32
CA ALA D 29 20.33 -10.33 6.40
C ALA D 29 19.88 -11.78 6.43
N ASN D 30 19.27 -12.25 5.36
CA ASN D 30 18.91 -13.64 5.18
C ASN D 30 18.67 -13.86 3.69
N ILE D 31 18.07 -14.98 3.34
CA ILE D 31 17.66 -15.26 1.98
C ILE D 31 16.18 -15.65 2.02
N VAL D 32 15.35 -14.92 1.29
CA VAL D 32 13.92 -15.16 1.29
C VAL D 32 13.59 -16.26 0.28
N LEU D 33 12.98 -17.33 0.76
CA LEU D 33 12.51 -18.42 -0.08
C LEU D 33 11.01 -18.20 -0.30
N SER D 34 10.68 -17.57 -1.41
CA SER D 34 9.32 -17.10 -1.66
C SER D 34 8.31 -18.24 -1.56
N TYR D 35 7.33 -18.05 -0.69
CA TYR D 35 6.23 -18.99 -0.50
C TYR D 35 6.70 -20.36 -0.03
N GLY D 36 7.94 -20.43 0.48
CA GLY D 36 8.47 -21.64 1.06
C GLY D 36 8.90 -22.70 0.07
N GLU D 37 8.69 -22.49 -1.23
CA GLU D 37 8.97 -23.51 -2.23
C GLU D 37 10.20 -23.12 -3.04
N TRP D 38 10.99 -24.11 -3.38
CA TRP D 38 12.16 -23.98 -4.24
C TRP D 38 11.75 -24.12 -5.70
N PRO D 39 12.48 -23.49 -6.62
CA PRO D 39 12.23 -23.71 -8.04
C PRO D 39 12.45 -25.17 -8.41
N GLU D 40 11.55 -25.70 -9.23
CA GLU D 40 11.62 -27.08 -9.66
C GLU D 40 11.28 -27.17 -11.14
N TYR D 41 11.63 -28.31 -11.73
CA TYR D 41 11.21 -28.61 -13.10
C TYR D 41 9.74 -29.04 -13.11
N CYS D 42 9.16 -29.08 -14.30
CA CYS D 42 7.76 -29.40 -14.44
C CYS D 42 7.54 -30.90 -14.35
N PRO D 43 6.84 -31.40 -13.32
CA PRO D 43 6.56 -32.82 -13.24
C PRO D 43 5.63 -33.26 -14.36
N SER D 44 5.74 -34.54 -14.72
CA SER D 44 4.91 -35.07 -15.79
C SER D 44 3.43 -35.07 -15.43
N THR D 45 3.09 -35.08 -14.15
CA THR D 45 1.70 -35.00 -13.75
C THR D 45 1.09 -33.65 -14.04
N ASP D 46 1.90 -32.60 -14.17
CA ASP D 46 1.43 -31.24 -14.36
C ASP D 46 1.95 -30.63 -15.66
N ALA D 47 2.14 -31.45 -16.68
CA ALA D 47 2.65 -31.01 -17.97
C ALA D 47 1.59 -31.19 -19.03
N THR D 48 1.64 -30.36 -20.06
CA THR D 48 0.68 -30.42 -21.15
C THR D 48 1.31 -30.58 -22.52
N ALA D 49 2.44 -29.93 -22.77
CA ALA D 49 3.12 -30.03 -24.06
C ALA D 49 3.83 -31.38 -24.18
N VAL D 50 3.86 -31.90 -25.40
CA VAL D 50 4.42 -33.23 -25.64
C VAL D 50 5.85 -33.19 -26.15
N ASP D 51 6.34 -32.02 -26.58
CA ASP D 51 7.72 -31.92 -27.03
C ASP D 51 8.69 -32.02 -25.86
N LYS D 52 9.85 -32.59 -26.14
CA LYS D 52 10.87 -32.71 -25.11
C LYS D 52 11.46 -31.34 -24.79
N PRO D 53 11.52 -30.93 -23.53
CA PRO D 53 12.02 -29.60 -23.20
C PRO D 53 13.53 -29.52 -23.24
N THR D 54 14.02 -28.33 -23.52
CA THR D 54 15.45 -28.03 -23.44
C THR D 54 15.78 -27.54 -22.04
N ARG D 55 16.87 -28.05 -21.48
CA ARG D 55 17.34 -27.66 -20.15
C ARG D 55 18.81 -27.28 -20.22
N PRO D 56 19.12 -26.07 -20.66
CA PRO D 56 20.51 -25.60 -20.56
C PRO D 56 20.84 -25.26 -19.12
N ASP D 57 21.62 -26.11 -18.46
CA ASP D 57 21.79 -25.99 -17.02
C ASP D 57 22.71 -24.83 -16.67
N VAL D 58 23.97 -24.91 -17.09
CA VAL D 58 24.94 -23.90 -16.67
C VAL D 58 25.01 -22.71 -17.61
N SER D 59 24.56 -22.86 -18.86
CA SER D 59 24.59 -21.73 -19.78
C SER D 59 23.56 -20.69 -19.41
N VAL D 60 22.35 -21.12 -19.07
CA VAL D 60 21.25 -20.20 -18.78
C VAL D 60 21.19 -19.83 -17.31
N ASN D 61 21.18 -20.84 -16.43
CA ASN D 61 21.05 -20.59 -15.01
C ASN D 61 22.35 -20.03 -14.43
N ARG D 62 22.45 -18.71 -14.36
CA ARG D 62 23.64 -18.01 -13.89
C ARG D 62 23.24 -16.58 -13.59
N PHE D 63 24.13 -15.86 -12.92
CA PHE D 63 23.85 -14.50 -12.48
C PHE D 63 24.15 -13.49 -13.58
N TYR D 64 23.17 -12.65 -13.89
CA TYR D 64 23.30 -11.57 -14.86
C TYR D 64 23.16 -10.24 -14.14
N THR D 65 24.24 -9.48 -14.06
CA THR D 65 24.16 -8.09 -13.61
C THR D 65 23.65 -7.23 -14.75
N LEU D 66 22.50 -6.60 -14.56
CA LEU D 66 21.76 -6.03 -15.67
C LEU D 66 21.56 -4.52 -15.60
N SER D 67 21.51 -3.93 -14.41
CA SER D 67 21.25 -2.50 -14.34
C SER D 67 21.79 -1.93 -13.05
N THR D 68 22.14 -0.64 -13.09
CA THR D 68 22.58 0.11 -11.93
C THR D 68 21.88 1.46 -11.94
N LYS D 69 21.16 1.76 -10.87
CA LYS D 69 20.43 3.01 -10.75
C LYS D 69 21.06 3.86 -9.66
N SER D 70 21.07 5.17 -9.85
CA SER D 70 21.65 6.11 -8.89
C SER D 70 20.58 6.48 -7.87
N TRP D 71 20.75 6.03 -6.64
CA TRP D 71 19.85 6.41 -5.55
C TRP D 71 20.07 7.87 -5.19
N LYS D 72 18.99 8.63 -5.17
CA LYS D 72 19.03 10.04 -4.81
C LYS D 72 17.96 10.32 -3.76
N THR D 73 18.07 11.49 -3.13
CA THR D 73 17.09 11.89 -2.13
C THR D 73 15.69 11.92 -2.71
N GLU D 74 15.53 12.56 -3.87
CA GLU D 74 14.23 12.67 -4.54
C GLU D 74 14.01 11.54 -5.54
N SER D 75 14.18 10.30 -5.11
CA SER D 75 14.03 9.14 -5.97
C SER D 75 12.77 8.39 -5.56
N THR D 76 11.94 8.08 -6.55
CA THR D 76 10.69 7.39 -6.27
C THR D 76 10.89 5.88 -6.19
N GLY D 77 11.46 5.29 -7.23
CA GLY D 77 11.69 3.87 -7.26
C GLY D 77 11.86 3.38 -8.68
N TRP D 78 12.03 2.06 -8.79
CA TRP D 78 12.25 1.44 -10.09
C TRP D 78 11.61 0.07 -10.08
N TYR D 79 11.13 -0.37 -11.24
CA TYR D 79 10.57 -1.70 -11.37
C TYR D 79 11.02 -2.34 -12.66
N TRP D 80 11.31 -3.64 -12.59
CA TRP D 80 11.66 -4.47 -13.72
C TRP D 80 10.71 -5.66 -13.76
N LYS D 81 10.40 -6.13 -14.96
CA LYS D 81 9.61 -7.34 -15.15
C LYS D 81 10.57 -8.49 -15.45
N PHE D 82 10.34 -9.64 -14.80
CA PHE D 82 11.44 -10.60 -14.71
C PHE D 82 11.83 -11.20 -16.05
N PRO D 83 10.97 -11.94 -16.74
CA PRO D 83 11.44 -12.51 -18.01
C PRO D 83 11.80 -11.45 -19.03
N ASP D 84 11.17 -10.28 -18.97
CA ASP D 84 11.47 -9.22 -19.93
C ASP D 84 12.86 -8.63 -19.70
N VAL D 85 13.34 -8.64 -18.46
CA VAL D 85 14.62 -8.00 -18.17
C VAL D 85 15.77 -8.82 -18.72
N LEU D 86 15.54 -10.08 -19.05
CA LEU D 86 16.62 -11.00 -19.45
C LEU D 86 16.38 -11.58 -20.84
N ASN D 87 15.52 -10.97 -21.64
CA ASN D 87 15.09 -11.55 -22.90
C ASN D 87 15.99 -11.18 -24.08
N ASP D 88 16.94 -10.27 -23.88
CA ASP D 88 17.88 -9.90 -24.93
C ASP D 88 19.32 -10.06 -24.45
N THR D 89 19.55 -10.99 -23.54
CA THR D 89 20.86 -11.12 -22.90
C THR D 89 21.25 -12.58 -22.80
N GLY D 90 22.45 -12.90 -23.31
CA GLY D 90 23.03 -14.21 -23.15
C GLY D 90 22.27 -15.30 -23.89
N VAL D 91 22.53 -16.54 -23.46
CA VAL D 91 21.83 -17.69 -24.02
C VAL D 91 20.43 -17.85 -23.44
N PHE D 92 20.07 -17.05 -22.44
CA PHE D 92 18.67 -16.98 -22.03
C PHE D 92 17.85 -16.22 -23.06
N GLY D 93 18.36 -15.08 -23.51
CA GLY D 93 17.65 -14.27 -24.48
C GLY D 93 17.75 -14.81 -25.88
N GLN D 94 18.18 -16.06 -26.01
CA GLN D 94 18.16 -16.77 -27.28
C GLN D 94 17.34 -18.04 -27.21
N ASN D 95 17.35 -18.74 -26.08
CA ASN D 95 16.42 -19.83 -25.89
C ASN D 95 14.99 -19.33 -25.69
N ALA D 96 14.83 -18.09 -25.24
CA ALA D 96 13.52 -17.49 -25.05
C ALA D 96 12.99 -16.82 -26.31
N GLN D 97 13.83 -16.59 -27.31
CA GLN D 97 13.38 -16.08 -28.60
C GLN D 97 13.18 -17.19 -29.62
N PHE D 98 13.86 -18.33 -29.47
CA PHE D 98 13.70 -19.44 -30.37
C PHE D 98 12.57 -20.38 -29.96
N HIS D 99 12.23 -20.40 -28.68
CA HIS D 99 11.16 -21.25 -28.19
C HIS D 99 9.91 -20.43 -27.91
N TYR D 100 8.77 -21.12 -27.96
CA TYR D 100 7.49 -20.52 -27.65
C TYR D 100 7.10 -20.68 -26.19
N LEU D 101 7.58 -21.73 -25.54
CA LEU D 101 7.27 -22.02 -24.15
C LEU D 101 8.52 -21.87 -23.30
N TYR D 102 8.32 -21.42 -22.07
CA TYR D 102 9.42 -21.16 -21.15
C TYR D 102 8.93 -21.33 -19.72
N ARG D 103 9.83 -21.79 -18.87
CA ARG D 103 9.53 -21.99 -17.45
C ARG D 103 10.83 -21.87 -16.68
N SER D 104 10.86 -20.98 -15.69
CA SER D 104 12.05 -20.80 -14.86
C SER D 104 11.71 -20.01 -13.62
N GLY D 105 12.42 -20.29 -12.54
CA GLY D 105 12.45 -19.45 -11.37
C GLY D 105 13.55 -18.43 -11.49
N PHE D 106 13.87 -17.79 -10.37
CA PHE D 106 15.01 -16.87 -10.36
C PHE D 106 15.50 -16.68 -8.93
N CYS D 107 16.68 -16.08 -8.83
CA CYS D 107 17.29 -15.69 -7.57
C CYS D 107 17.72 -14.23 -7.71
N MET D 108 16.84 -13.32 -7.32
CA MET D 108 17.09 -11.89 -7.43
C MET D 108 18.05 -11.45 -6.34
N HIS D 109 19.05 -10.66 -6.72
CA HIS D 109 20.01 -10.11 -5.76
C HIS D 109 20.17 -8.62 -6.05
N VAL D 110 19.86 -7.80 -5.07
CA VAL D 110 19.94 -6.34 -5.18
C VAL D 110 21.07 -5.86 -4.28
N GLN D 111 21.89 -4.94 -4.80
CA GLN D 111 23.12 -4.53 -4.14
C GLN D 111 23.13 -3.03 -3.97
N CYS D 112 23.22 -2.57 -2.72
CA CYS D 112 23.35 -1.15 -2.42
C CYS D 112 24.15 -1.02 -1.15
N ASN D 113 25.35 -0.46 -1.25
CA ASN D 113 26.23 -0.26 -0.12
C ASN D 113 26.48 1.23 0.08
N ALA D 114 26.65 1.62 1.34
CA ALA D 114 26.95 3.00 1.69
C ALA D 114 27.68 3.01 3.02
N SER D 115 28.23 4.17 3.36
CA SER D 115 29.03 4.29 4.58
C SER D 115 28.14 4.18 5.82
N LYS D 116 28.80 4.01 6.97
CA LYS D 116 28.12 4.01 8.25
C LYS D 116 27.58 5.38 8.62
N PHE D 117 27.89 6.41 7.84
CA PHE D 117 27.39 7.76 8.04
C PHE D 117 26.28 8.11 7.04
N HIS D 118 25.79 7.13 6.30
CA HIS D 118 24.64 7.26 5.43
C HIS D 118 23.43 6.63 6.10
N GLN D 119 22.24 7.12 5.75
CA GLN D 119 21.01 6.52 6.25
C GLN D 119 20.00 6.42 5.12
N GLY D 120 19.12 5.45 5.23
CA GLY D 120 18.09 5.20 4.24
C GLY D 120 17.70 3.74 4.24
N ALA D 121 16.50 3.48 3.73
CA ALA D 121 15.97 2.12 3.67
C ALA D 121 15.19 1.92 2.39
N LEU D 122 15.50 0.84 1.68
CA LEU D 122 14.81 0.45 0.46
C LEU D 122 13.90 -0.74 0.74
N LEU D 123 12.84 -0.84 -0.03
CA LEU D 123 11.94 -2.00 0.00
C LEU D 123 12.09 -2.76 -1.30
N VAL D 124 12.62 -3.97 -1.22
CA VAL D 124 12.82 -4.84 -2.38
C VAL D 124 11.76 -5.93 -2.32
N ALA D 125 10.85 -5.94 -3.27
CA ALA D 125 9.75 -6.91 -3.29
C ALA D 125 9.66 -7.56 -4.67
N ALA D 126 9.07 -8.75 -4.69
CA ALA D 126 8.83 -9.51 -5.91
C ALA D 126 7.33 -9.78 -6.03
N ILE D 127 6.68 -9.08 -6.95
CA ILE D 127 5.22 -9.06 -7.05
C ILE D 127 4.81 -9.99 -8.18
N PRO D 128 4.13 -11.10 -7.91
CA PRO D 128 3.59 -11.92 -8.99
C PRO D 128 2.46 -11.19 -9.71
N GLU D 129 2.53 -11.18 -11.04
CA GLU D 129 1.52 -10.56 -11.90
C GLU D 129 1.37 -9.08 -11.55
N PHE D 130 2.45 -8.34 -11.74
CA PHE D 130 2.51 -6.91 -11.43
C PHE D 130 1.99 -6.14 -12.62
N VAL D 131 0.70 -5.86 -12.61
CA VAL D 131 0.04 -5.16 -13.71
C VAL D 131 0.11 -3.67 -13.44
N ILE D 132 0.84 -2.96 -14.28
CA ILE D 132 1.02 -1.52 -14.12
C ILE D 132 -0.21 -0.81 -14.68
N ALA D 133 -0.78 0.09 -13.88
CA ALA D 133 -1.95 0.85 -14.26
C ALA D 133 -1.53 2.21 -14.81
N ALA D 134 -2.51 2.96 -15.29
CA ALA D 134 -2.30 4.32 -15.74
C ALA D 134 -3.10 5.27 -14.87
N SER D 135 -2.58 6.48 -14.68
CA SER D 135 -3.26 7.51 -13.91
C SER D 135 -3.97 8.43 -14.89
N SER D 136 -5.30 8.40 -14.84
CA SER D 136 -6.08 9.16 -15.79
C SER D 136 -6.68 10.40 -15.13
N PRO D 137 -6.75 11.53 -15.83
CA PRO D 137 -7.35 12.76 -15.31
C PRO D 137 -8.87 12.66 -15.21
N GLN D 144 -4.83 8.06 -26.53
CA GLN D 144 -5.48 7.27 -25.49
C GLN D 144 -5.53 8.03 -24.18
N GLY D 145 -4.78 7.54 -23.20
CA GLY D 145 -4.71 8.16 -21.89
C GLY D 145 -5.16 7.29 -20.74
N LEU D 146 -5.75 6.12 -21.01
CA LEU D 146 -6.23 5.23 -19.97
C LEU D 146 -5.43 3.95 -19.86
N TYR D 147 -4.52 3.68 -20.80
CA TYR D 147 -3.75 2.46 -20.78
C TYR D 147 -2.26 2.78 -20.85
N PRO D 148 -1.43 2.04 -20.14
CA PRO D 148 0.01 2.33 -20.16
C PRO D 148 0.65 1.95 -21.48
N ASP D 149 1.74 2.66 -21.82
CA ASP D 149 2.51 2.37 -23.01
C ASP D 149 3.32 1.09 -22.80
N PHE D 150 3.86 0.57 -23.91
CA PHE D 150 4.69 -0.63 -23.81
C PHE D 150 6.01 -0.35 -23.10
N ALA D 151 6.47 0.90 -23.09
CA ALA D 151 7.68 1.23 -22.36
C ALA D 151 7.49 1.09 -20.85
N HIS D 152 6.27 1.28 -20.36
CA HIS D 152 5.99 1.20 -18.94
C HIS D 152 5.54 -0.18 -18.48
N THR D 153 5.18 -1.06 -19.41
CA THR D 153 4.76 -2.43 -19.06
C THR D 153 5.89 -3.43 -19.19
N ASN D 154 6.69 -3.35 -20.26
CA ASN D 154 7.88 -4.17 -20.43
C ASN D 154 9.06 -3.23 -20.67
N PRO D 155 9.74 -2.78 -19.61
CA PRO D 155 10.81 -1.80 -19.78
C PRO D 155 12.20 -2.38 -19.98
N GLY D 156 12.38 -3.69 -19.88
CA GLY D 156 13.66 -4.29 -20.21
C GLY D 156 14.68 -4.17 -19.09
N LYS D 157 15.96 -4.13 -19.50
CA LYS D 157 17.04 -4.02 -18.52
C LYS D 157 16.99 -2.68 -17.80
N ASP D 158 17.03 -1.59 -18.56
CA ASP D 158 16.82 -0.27 -17.99
C ASP D 158 15.35 -0.17 -17.59
N GLY D 159 15.07 -0.35 -16.30
CA GLY D 159 13.71 -0.40 -15.83
C GLY D 159 12.97 0.91 -15.96
N GLN D 160 11.87 1.06 -15.23
CA GLN D 160 11.07 2.26 -15.29
C GLN D 160 11.02 2.91 -13.92
N GLU D 161 11.27 4.21 -13.89
CA GLU D 161 11.13 4.98 -12.65
C GLU D 161 9.66 5.10 -12.29
N PHE D 162 9.33 4.79 -11.04
CA PHE D 162 7.96 4.92 -10.57
C PHE D 162 7.47 6.34 -10.74
N ARG D 163 6.16 6.47 -10.94
CA ARG D 163 5.49 7.77 -10.98
C ARG D 163 4.72 8.05 -9.71
N ASP D 164 4.08 7.03 -9.13
CA ASP D 164 3.37 7.14 -7.86
C ASP D 164 3.67 5.90 -7.04
N PRO D 165 4.83 5.86 -6.38
CA PRO D 165 5.18 4.67 -5.59
C PRO D 165 4.22 4.41 -4.44
N TYR D 166 3.52 5.43 -3.97
CA TYR D 166 2.53 5.23 -2.90
C TYR D 166 1.48 4.21 -3.30
N VAL D 167 1.13 4.16 -4.59
CA VAL D 167 0.15 3.22 -5.10
C VAL D 167 0.79 2.16 -5.98
N LEU D 168 2.12 2.04 -5.94
CA LEU D 168 2.87 1.06 -6.72
C LEU D 168 2.58 1.16 -8.21
N ASP D 169 2.09 2.31 -8.67
CA ASP D 169 1.65 2.50 -10.05
C ASP D 169 0.66 1.41 -10.48
N ALA D 170 -0.08 0.87 -9.52
CA ALA D 170 -1.03 -0.19 -9.82
C ALA D 170 -2.35 -0.05 -9.06
N GLY D 171 -2.55 1.05 -8.33
CA GLY D 171 -3.74 1.22 -7.52
C GLY D 171 -3.72 0.52 -6.18
N ILE D 172 -2.72 -0.30 -5.90
CA ILE D 172 -2.61 -1.02 -4.64
C ILE D 172 -1.72 -0.22 -3.70
N PRO D 173 -2.02 -0.15 -2.40
CA PRO D 173 -1.21 0.66 -1.50
C PRO D 173 0.15 0.04 -1.24
N LEU D 174 1.16 0.91 -1.09
CA LEU D 174 2.52 0.45 -0.85
C LEU D 174 2.67 -0.17 0.52
N SER D 175 1.87 0.27 1.50
CA SER D 175 1.99 -0.21 2.87
C SER D 175 1.80 -1.72 2.95
N GLN D 176 0.99 -2.30 2.06
CA GLN D 176 0.66 -3.71 2.11
C GLN D 176 1.48 -4.55 1.14
N ALA D 177 2.47 -3.95 0.48
CA ALA D 177 3.34 -4.72 -0.41
C ALA D 177 4.12 -5.78 0.33
N LEU D 178 4.19 -5.71 1.65
CA LEU D 178 4.89 -6.72 2.44
C LEU D 178 4.15 -8.04 2.48
N ILE D 179 2.97 -8.13 1.85
CA ILE D 179 2.33 -9.42 1.67
C ILE D 179 3.04 -10.24 0.61
N PHE D 180 3.80 -9.59 -0.27
CA PHE D 180 4.63 -10.22 -1.26
C PHE D 180 5.98 -10.57 -0.67
N PRO D 181 6.69 -11.54 -1.25
CA PRO D 181 8.05 -11.82 -0.80
C PRO D 181 8.92 -10.59 -0.93
N HIS D 182 9.53 -10.18 0.18
CA HIS D 182 10.17 -8.88 0.23
C HIS D 182 11.39 -8.94 1.15
N GLN D 183 12.14 -7.85 1.13
CA GLN D 183 13.28 -7.65 2.02
C GLN D 183 13.58 -6.16 2.06
N TRP D 184 14.39 -5.76 3.02
CA TRP D 184 14.79 -4.37 3.17
C TRP D 184 16.29 -4.25 3.00
N ILE D 185 16.73 -3.20 2.33
CA ILE D 185 18.12 -2.78 2.35
C ILE D 185 18.15 -1.55 3.24
N ASN D 186 18.39 -1.77 4.52
CA ASN D 186 18.51 -0.71 5.51
C ASN D 186 19.99 -0.45 5.73
N LEU D 187 20.45 0.74 5.35
CA LEU D 187 21.88 1.02 5.22
C LEU D 187 22.63 0.97 6.52
N ARG D 188 22.02 0.62 7.65
CA ARG D 188 22.74 0.42 8.89
C ARG D 188 22.78 -1.04 9.32
N THR D 189 22.15 -1.94 8.56
CA THR D 189 22.12 -3.34 8.98
C THR D 189 22.50 -4.29 7.84
N ASN D 190 22.30 -3.89 6.60
CA ASN D 190 22.58 -4.78 5.48
C ASN D 190 22.72 -3.98 4.21
N ASN D 191 23.29 -4.63 3.18
CA ASN D 191 23.53 -3.98 1.91
C ASN D 191 23.14 -4.86 0.72
N CYS D 192 22.34 -5.90 0.95
CA CYS D 192 21.89 -6.75 -0.14
C CYS D 192 20.57 -7.40 0.22
N ALA D 193 19.77 -7.69 -0.81
CA ALA D 193 18.53 -8.41 -0.66
C ALA D 193 18.52 -9.59 -1.63
N THR D 194 18.11 -10.76 -1.16
CA THR D 194 18.11 -11.97 -1.97
C THR D 194 16.74 -12.62 -1.86
N ILE D 195 16.08 -12.82 -3.00
CA ILE D 195 14.76 -13.43 -3.07
C ILE D 195 14.81 -14.55 -4.10
N ILE D 196 14.60 -15.79 -3.64
CA ILE D 196 14.46 -16.94 -4.52
C ILE D 196 12.97 -17.15 -4.76
N MET D 197 12.55 -17.17 -6.02
CA MET D 197 11.14 -17.21 -6.38
C MET D 197 10.89 -18.37 -7.33
N PRO D 198 10.00 -19.30 -7.02
CA PRO D 198 9.65 -20.36 -7.97
C PRO D 198 8.73 -19.84 -9.06
N TYR D 199 8.59 -20.65 -10.10
CA TYR D 199 7.68 -20.30 -11.19
C TYR D 199 6.25 -20.28 -10.67
N ILE D 200 5.56 -19.16 -10.85
CA ILE D 200 4.19 -18.98 -10.40
C ILE D 200 3.37 -18.61 -11.62
N ASN D 201 2.50 -19.52 -12.04
CA ASN D 201 1.60 -19.27 -13.16
C ASN D 201 0.48 -20.29 -13.10
N ALA D 202 -0.64 -19.95 -13.75
CA ALA D 202 -1.76 -20.86 -13.88
C ALA D 202 -1.61 -21.80 -15.08
N LEU D 203 -0.39 -21.97 -15.57
CA LEU D 203 -0.09 -22.79 -16.73
C LEU D 203 1.31 -23.33 -16.54
N PRO D 204 1.58 -24.57 -16.97
CA PRO D 204 2.94 -25.12 -16.77
C PRO D 204 4.02 -24.30 -17.44
N PHE D 205 3.87 -24.01 -18.74
CA PHE D 205 4.79 -23.17 -19.47
C PHE D 205 4.03 -21.97 -20.01
N ASP D 206 4.76 -20.94 -20.41
CA ASP D 206 4.14 -19.77 -21.02
C ASP D 206 5.20 -19.03 -21.82
N SER D 207 4.75 -18.06 -22.60
CA SER D 207 5.64 -17.30 -23.45
C SER D 207 6.47 -16.32 -22.63
N ALA D 208 7.77 -16.30 -22.88
CA ALA D 208 8.67 -15.36 -22.21
C ALA D 208 8.69 -13.99 -22.88
N LEU D 209 7.90 -13.81 -23.94
CA LEU D 209 7.85 -12.54 -24.65
C LEU D 209 6.56 -11.78 -24.46
N ASN D 210 5.43 -12.49 -24.32
CA ASN D 210 4.13 -11.88 -24.21
C ASN D 210 3.57 -11.90 -22.80
N HIS D 211 4.32 -12.43 -21.84
CA HIS D 211 3.84 -12.55 -20.46
C HIS D 211 4.99 -12.35 -19.50
N SER D 212 4.79 -11.48 -18.51
CA SER D 212 5.77 -11.22 -17.45
C SER D 212 5.24 -11.84 -16.16
N ASN D 213 5.92 -12.88 -15.69
CA ASN D 213 5.42 -13.62 -14.54
C ASN D 213 5.48 -12.78 -13.26
N PHE D 214 6.64 -12.19 -12.98
CA PHE D 214 6.84 -11.45 -11.76
C PHE D 214 7.31 -10.03 -12.07
N GLY D 215 7.08 -9.15 -11.11
CA GLY D 215 7.61 -7.80 -11.14
C GLY D 215 8.60 -7.63 -10.01
N LEU D 216 9.72 -7.00 -10.31
CA LEU D 216 10.78 -6.75 -9.31
C LEU D 216 10.72 -5.28 -9.00
N VAL D 217 10.54 -4.92 -7.75
CA VAL D 217 10.29 -3.55 -7.30
C VAL D 217 11.31 -3.18 -6.24
N VAL D 218 11.88 -1.98 -6.37
CA VAL D 218 12.82 -1.43 -5.39
C VAL D 218 12.38 0.00 -5.11
N ILE D 219 11.89 0.24 -3.90
CA ILE D 219 11.33 1.54 -3.53
C ILE D 219 11.98 2.06 -2.26
N PRO D 220 12.54 3.27 -2.27
CA PRO D 220 13.01 3.91 -1.03
C PRO D 220 11.86 4.42 -0.19
N ILE D 221 11.79 3.96 1.06
CA ILE D 221 10.78 4.44 2.00
C ILE D 221 11.33 5.59 2.84
N SER D 222 12.49 5.38 3.45
CA SER D 222 13.18 6.44 4.17
C SER D 222 14.28 6.99 3.28
N PRO D 223 14.20 8.24 2.82
CA PRO D 223 15.12 8.72 1.79
C PRO D 223 16.58 8.67 2.23
N LEU D 224 17.45 8.76 1.24
CA LEU D 224 18.90 8.67 1.43
C LEU D 224 19.43 10.00 1.93
N LYS D 225 19.80 10.06 3.20
CA LYS D 225 20.38 11.26 3.78
C LYS D 225 21.84 11.01 4.14
N TYR D 226 22.68 12.01 3.89
CA TYR D 226 24.07 11.99 4.28
C TYR D 226 24.49 13.42 4.61
N CYS D 227 25.74 13.59 5.00
CA CYS D 227 26.26 14.90 5.36
C CYS D 227 27.28 15.36 4.35
N ASN D 228 27.72 16.61 4.51
CA ASN D 228 28.63 17.22 3.55
C ASN D 228 30.01 16.58 3.66
N GLY D 229 30.48 16.04 2.55
CA GLY D 229 31.74 15.33 2.50
C GLY D 229 31.60 13.85 2.22
N ALA D 230 30.41 13.30 2.35
CA ALA D 230 30.19 11.89 2.07
C ALA D 230 30.05 11.66 0.57
N THR D 231 30.17 10.40 0.17
CA THR D 231 30.04 10.02 -1.23
C THR D 231 28.61 10.24 -1.69
N THR D 232 28.41 11.20 -2.59
CA THR D 232 27.06 11.57 -3.00
C THR D 232 26.43 10.55 -3.92
N GLU D 233 27.20 9.66 -4.52
CA GLU D 233 26.71 8.73 -5.53
C GLU D 233 26.62 7.33 -4.92
N VAL D 234 25.40 6.89 -4.65
CA VAL D 234 25.13 5.59 -4.06
C VAL D 234 24.30 4.78 -5.03
N PRO D 235 24.90 3.82 -5.73
CA PRO D 235 24.17 3.07 -6.75
C PRO D 235 23.50 1.82 -6.22
N ILE D 236 22.45 1.41 -6.92
CA ILE D 236 21.69 0.19 -6.65
C ILE D 236 21.83 -0.71 -7.86
N THR D 237 22.34 -1.91 -7.65
CA THR D 237 22.62 -2.84 -8.75
C THR D 237 21.73 -4.07 -8.62
N LEU D 238 21.14 -4.48 -9.73
CA LEU D 238 20.25 -5.64 -9.79
C LEU D 238 20.95 -6.78 -10.50
N THR D 239 21.15 -7.89 -9.79
CA THR D 239 21.67 -9.11 -10.36
C THR D 239 20.61 -10.20 -10.26
N ILE D 240 20.35 -10.88 -11.36
CA ILE D 240 19.31 -11.90 -11.43
C ILE D 240 19.91 -13.18 -11.99
N ALA D 241 19.33 -14.31 -11.59
CA ALA D 241 19.80 -15.62 -12.04
C ALA D 241 18.64 -16.59 -12.21
N PRO D 242 18.34 -17.00 -13.45
CA PRO D 242 17.35 -18.06 -13.64
C PRO D 242 17.73 -19.34 -12.90
N LEU D 243 16.71 -20.08 -12.47
CA LEU D 243 16.88 -21.36 -11.82
C LEU D 243 15.88 -22.34 -12.40
N ASN D 244 16.37 -23.50 -12.82
CA ASN D 244 15.55 -24.57 -13.38
C ASN D 244 14.80 -24.08 -14.64
N SER D 245 15.57 -23.61 -15.61
CA SER D 245 15.01 -23.02 -16.81
C SER D 245 14.74 -24.11 -17.85
N GLU D 246 13.51 -24.17 -18.33
CA GLU D 246 13.10 -25.09 -19.39
C GLU D 246 12.55 -24.30 -20.57
N PHE D 247 12.74 -24.84 -21.77
CA PHE D 247 12.25 -24.21 -22.99
C PHE D 247 11.70 -25.30 -23.90
N SER D 248 10.59 -25.00 -24.57
CA SER D 248 9.97 -25.95 -25.48
C SER D 248 9.36 -25.20 -26.66
N GLY D 249 9.08 -25.95 -27.72
CA GLY D 249 8.47 -25.38 -28.91
C GLY D 249 9.43 -24.58 -29.76
N LEU D 250 10.44 -25.24 -30.31
CA LEU D 250 11.46 -24.55 -31.09
C LEU D 250 10.89 -24.07 -32.42
N ARG D 251 11.37 -22.91 -32.86
CA ARG D 251 10.95 -22.29 -34.11
C ARG D 251 11.92 -21.16 -34.43
N GLN D 252 11.59 -20.38 -35.45
CA GLN D 252 12.38 -19.20 -35.80
C GLN D 252 12.42 -18.23 -34.63
N ALA D 253 13.52 -17.49 -34.53
CA ALA D 253 13.69 -16.53 -33.44
C ALA D 253 12.71 -15.38 -33.59
N ILE D 254 12.04 -15.04 -32.49
CA ILE D 254 11.03 -13.99 -32.47
C ILE D 254 11.36 -13.03 -31.33
N LYS D 255 11.32 -11.73 -31.63
CA LYS D 255 11.61 -10.68 -30.67
C LYS D 255 10.44 -9.69 -30.71
N GLN D 256 9.62 -9.69 -29.68
CA GLN D 256 8.42 -8.87 -29.68
C GLN D 256 8.48 -7.77 -28.62
N GLY E 1 -48.64 -37.75 -4.51
CA GLY E 1 -47.81 -38.86 -4.09
C GLY E 1 -47.50 -38.83 -2.62
N PHE E 2 -46.32 -38.29 -2.28
CA PHE E 2 -45.88 -38.25 -0.89
C PHE E 2 -46.34 -36.94 -0.27
N PRO E 3 -47.18 -36.98 0.78
CA PRO E 3 -47.71 -35.73 1.34
C PRO E 3 -46.63 -34.88 1.98
N THR E 4 -46.56 -33.63 1.53
CA THR E 4 -45.65 -32.64 2.09
C THR E 4 -46.42 -31.35 2.36
N GLU E 5 -45.82 -30.49 3.16
CA GLU E 5 -46.43 -29.21 3.52
C GLU E 5 -45.34 -28.14 3.51
N LEU E 6 -45.52 -27.12 2.68
CA LEU E 6 -44.53 -26.05 2.57
C LEU E 6 -44.53 -25.20 3.83
N LYS E 7 -43.36 -24.71 4.19
CA LYS E 7 -43.18 -23.97 5.42
C LYS E 7 -42.71 -22.54 5.10
N PRO E 8 -42.70 -21.63 6.06
CA PRO E 8 -42.18 -20.29 5.78
C PRO E 8 -40.71 -20.33 5.41
N GLY E 9 -40.30 -19.39 4.58
CA GLY E 9 -39.00 -19.45 3.96
C GLY E 9 -39.00 -20.09 2.59
N THR E 10 -40.17 -20.37 2.03
CA THR E 10 -40.26 -20.92 0.68
C THR E 10 -40.13 -19.79 -0.32
N ASN E 11 -39.47 -20.09 -1.45
CA ASN E 11 -39.26 -19.17 -2.56
C ASN E 11 -38.34 -18.01 -2.20
N GLN E 12 -37.62 -18.08 -1.08
CA GLN E 12 -36.73 -17.00 -0.68
C GLN E 12 -35.34 -17.25 -1.24
N PHE E 13 -34.67 -16.16 -1.63
CA PHE E 13 -33.29 -16.21 -2.09
C PHE E 13 -32.42 -15.63 -0.97
N LEU E 14 -32.02 -16.51 -0.05
CA LEU E 14 -31.02 -16.15 0.95
C LEU E 14 -29.65 -16.16 0.29
N THR E 15 -28.99 -15.01 0.25
CA THR E 15 -27.72 -14.89 -0.46
C THR E 15 -26.58 -15.61 0.24
N THR E 16 -26.82 -16.32 1.34
CA THR E 16 -25.76 -17.04 2.03
C THR E 16 -26.14 -18.48 2.34
N ASP E 17 -27.08 -19.05 1.59
CA ASP E 17 -27.51 -20.43 1.80
C ASP E 17 -26.63 -21.35 0.95
N ASP E 18 -25.95 -22.28 1.60
CA ASP E 18 -25.14 -23.28 0.91
C ASP E 18 -26.07 -24.39 0.45
N GLY E 19 -26.53 -24.28 -0.78
CA GLY E 19 -27.46 -25.27 -1.31
C GLY E 19 -26.90 -26.03 -2.49
N THR E 20 -27.80 -26.70 -3.24
CA THR E 20 -27.41 -27.48 -4.40
C THR E 20 -28.30 -27.07 -5.56
N SER E 21 -27.69 -26.56 -6.62
CA SER E 21 -28.38 -26.14 -7.82
C SER E 21 -28.14 -27.15 -8.94
N PRO E 22 -28.97 -27.15 -9.99
CA PRO E 22 -28.76 -28.09 -11.08
C PRO E 22 -27.51 -27.73 -11.87
N PRO E 23 -26.84 -28.73 -12.44
CA PRO E 23 -25.64 -28.43 -13.23
C PRO E 23 -25.97 -28.12 -14.68
N ILE E 24 -25.41 -27.03 -15.22
CA ILE E 24 -25.71 -26.63 -16.60
C ILE E 24 -24.92 -27.41 -17.63
N LEU E 25 -23.94 -28.20 -17.23
CA LEU E 25 -23.10 -28.95 -18.17
C LEU E 25 -22.88 -30.35 -17.63
N PRO E 26 -23.70 -31.31 -18.05
CA PRO E 26 -23.50 -32.68 -17.58
C PRO E 26 -22.27 -33.31 -18.20
N GLY E 27 -21.56 -34.09 -17.38
CA GLY E 27 -20.36 -34.76 -17.83
C GLY E 27 -19.12 -33.89 -17.90
N PHE E 28 -19.18 -32.67 -17.38
CA PHE E 28 -18.08 -31.73 -17.52
C PHE E 28 -16.96 -32.10 -16.56
N GLU E 29 -15.76 -32.30 -17.11
CA GLU E 29 -14.55 -32.51 -16.34
C GLU E 29 -13.61 -31.33 -16.58
N PRO E 30 -13.29 -30.54 -15.57
CA PRO E 30 -12.51 -29.31 -15.80
C PRO E 30 -11.04 -29.61 -16.03
N THR E 31 -10.27 -28.54 -16.23
CA THR E 31 -8.84 -28.68 -16.44
C THR E 31 -8.18 -29.24 -15.20
N PRO E 32 -7.18 -30.11 -15.34
CA PRO E 32 -6.52 -30.66 -14.16
C PRO E 32 -5.92 -29.57 -13.28
N LEU E 33 -5.74 -29.93 -12.02
CA LEU E 33 -5.23 -29.01 -11.00
C LEU E 33 -3.73 -29.23 -10.86
N ILE E 34 -2.94 -28.23 -11.22
CA ILE E 34 -1.51 -28.29 -11.09
C ILE E 34 -1.09 -27.49 -9.88
N HIS E 35 0.16 -27.67 -9.45
CA HIS E 35 0.67 -27.03 -8.25
C HIS E 35 1.04 -25.59 -8.56
N ILE E 36 0.32 -24.65 -7.97
CA ILE E 36 0.66 -23.23 -8.00
C ILE E 36 1.16 -22.84 -6.61
N PRO E 37 2.36 -22.29 -6.49
CA PRO E 37 2.84 -21.88 -5.17
C PRO E 37 2.07 -20.71 -4.60
N GLY E 38 1.93 -20.71 -3.28
CA GLY E 38 1.34 -19.59 -2.59
C GLY E 38 -0.14 -19.71 -2.29
N GLU E 39 -0.59 -20.92 -1.98
CA GLU E 39 -2.00 -21.13 -1.66
C GLU E 39 -2.28 -20.74 -0.22
N PHE E 40 -3.32 -19.94 -0.02
CA PHE E 40 -3.74 -19.54 1.32
C PHE E 40 -5.19 -19.97 1.53
N THR E 41 -5.43 -20.65 2.65
CA THR E 41 -6.74 -21.17 2.97
C THR E 41 -7.46 -20.38 4.06
N SER E 42 -6.76 -19.47 4.75
CA SER E 42 -7.35 -18.72 5.85
C SER E 42 -6.92 -17.27 5.76
N LEU E 43 -7.84 -16.36 6.08
CA LEU E 43 -7.51 -14.96 6.15
C LEU E 43 -6.70 -14.61 7.40
N LEU E 44 -6.79 -15.42 8.45
CA LEU E 44 -5.98 -15.20 9.64
C LEU E 44 -4.51 -15.40 9.34
N ASP E 45 -4.18 -16.22 8.34
CA ASP E 45 -2.79 -16.37 7.94
C ASP E 45 -2.25 -15.09 7.31
N LEU E 46 -3.11 -14.29 6.69
CA LEU E 46 -2.69 -13.02 6.13
C LEU E 46 -2.62 -11.93 7.20
N CYS E 47 -3.44 -12.04 8.24
CA CYS E 47 -3.46 -11.03 9.29
C CYS E 47 -2.19 -11.04 10.13
N GLN E 48 -1.44 -12.13 10.12
CA GLN E 48 -0.21 -12.23 10.88
C GLN E 48 1.00 -11.79 10.09
N VAL E 49 0.80 -11.16 8.94
CA VAL E 49 1.89 -10.61 8.14
C VAL E 49 2.02 -9.14 8.48
N GLU E 50 3.25 -8.71 8.76
CA GLU E 50 3.49 -7.34 9.16
C GLU E 50 3.42 -6.43 7.94
N THR E 51 2.64 -5.36 8.05
CA THR E 51 2.51 -4.37 6.99
C THR E 51 2.67 -2.98 7.60
N ILE E 52 3.01 -2.02 6.75
CA ILE E 52 3.43 -0.71 7.23
C ILE E 52 2.24 0.05 7.79
N LEU E 53 2.41 0.61 8.97
CA LEU E 53 1.42 1.49 9.58
C LEU E 53 1.65 2.92 9.13
N GLU E 54 0.56 3.61 8.83
CA GLU E 54 0.61 4.99 8.35
C GLU E 54 0.42 5.92 9.55
N VAL E 55 1.50 6.07 10.31
CA VAL E 55 1.41 6.84 11.55
C VAL E 55 1.51 8.33 11.28
N ASN E 56 2.23 8.73 10.24
CA ASN E 56 2.37 10.14 9.90
C ASN E 56 1.31 10.55 8.87
N ASN E 57 0.05 10.41 9.28
CA ASN E 57 -1.09 10.70 8.43
C ASN E 57 -1.65 12.09 8.71
N THR E 58 -0.78 13.05 8.99
CA THR E 58 -1.18 14.40 9.31
C THR E 58 -1.53 15.17 8.04
N THR E 59 -2.17 16.32 8.23
CA THR E 59 -2.60 17.15 7.12
C THR E 59 -1.40 17.80 6.46
N GLY E 60 -1.29 17.63 5.14
CA GLY E 60 -0.18 18.17 4.38
C GLY E 60 0.92 17.17 4.09
N THR E 61 0.90 16.00 4.73
CA THR E 61 1.90 14.96 4.47
C THR E 61 1.38 14.08 3.34
N THR E 62 2.15 14.00 2.26
CA THR E 62 1.72 13.32 1.04
C THR E 62 2.66 12.18 0.71
N GLY E 63 2.09 11.09 0.20
CA GLY E 63 2.90 10.01 -0.34
C GLY E 63 3.50 9.13 0.74
N VAL E 64 4.75 8.74 0.50
CA VAL E 64 5.45 7.77 1.33
C VAL E 64 5.94 8.45 2.61
N SER E 65 5.88 9.78 2.65
CA SER E 65 6.21 10.49 3.88
C SER E 65 5.20 10.25 4.98
N ARG E 66 4.12 9.52 4.70
CA ARG E 66 3.12 9.15 5.69
C ARG E 66 3.43 7.85 6.38
N LEU E 67 4.41 7.09 5.89
CA LEU E 67 4.81 5.83 6.48
C LEU E 67 6.03 5.97 7.37
N LEU E 68 6.34 7.19 7.81
CA LEU E 68 7.60 7.49 8.49
C LEU E 68 7.33 8.25 9.78
N ILE E 69 7.79 7.70 10.89
CA ILE E 69 7.76 8.38 12.18
C ILE E 69 9.08 9.13 12.34
N PRO E 70 9.09 10.46 12.26
CA PRO E 70 10.34 11.20 12.40
C PRO E 70 10.90 11.13 13.82
N VAL E 71 12.20 10.87 13.90
CA VAL E 71 12.93 10.87 15.17
C VAL E 71 14.13 11.81 15.01
N ARG E 72 14.51 12.49 16.09
CA ARG E 72 15.39 13.63 16.00
C ARG E 72 16.13 13.80 17.31
N ALA E 73 17.26 14.51 17.25
CA ALA E 73 18.00 14.86 18.45
C ALA E 73 17.28 15.97 19.21
N GLN E 74 17.14 15.80 20.52
CA GLN E 74 16.26 16.64 21.33
C GLN E 74 17.07 17.62 22.16
N ASN E 75 16.49 18.82 22.36
CA ASN E 75 17.08 19.79 23.27
C ASN E 75 16.64 19.53 24.71
N ASN E 76 15.41 19.10 24.90
CA ASN E 76 14.86 18.81 26.21
C ASN E 76 14.83 17.30 26.43
N VAL E 77 14.29 16.88 27.56
CA VAL E 77 14.26 15.49 27.95
C VAL E 77 12.83 15.04 28.18
N ASP E 78 12.58 13.75 27.99
CA ASP E 78 11.28 13.13 28.22
C ASP E 78 10.20 13.81 27.37
N GLN E 79 10.36 13.69 26.05
CA GLN E 79 9.46 14.29 25.09
C GLN E 79 8.78 13.22 24.26
N LEU E 80 7.64 13.59 23.69
CA LEU E 80 6.82 12.66 22.92
C LEU E 80 7.22 12.66 21.46
N CYS E 81 7.29 11.46 20.87
CA CYS E 81 7.62 11.31 19.46
C CYS E 81 6.37 11.15 18.60
N ALA E 82 5.53 10.17 18.91
CA ALA E 82 4.35 9.89 18.11
C ALA E 82 3.38 9.05 18.91
N SER E 83 2.10 9.15 18.54
CA SER E 83 1.03 8.41 19.20
C SER E 83 0.08 7.88 18.14
N PHE E 84 -0.62 6.80 18.49
CA PHE E 84 -1.69 6.28 17.65
C PHE E 84 -2.49 5.27 18.46
N GLN E 85 -3.72 5.04 18.01
CA GLN E 85 -4.62 4.10 18.68
C GLN E 85 -4.50 2.71 18.07
N VAL E 86 -4.79 1.71 18.88
CA VAL E 86 -4.57 0.32 18.50
C VAL E 86 -5.89 -0.36 18.20
N ASP E 87 -6.88 0.41 17.76
CA ASP E 87 -8.12 -0.16 17.25
C ASP E 87 -7.93 -0.50 15.78
N PRO E 88 -7.92 -1.78 15.39
CA PRO E 88 -7.56 -2.12 14.00
C PRO E 88 -8.54 -1.59 12.97
N GLY E 89 -9.82 -1.50 13.29
CA GLY E 89 -10.80 -1.07 12.31
C GLY E 89 -11.29 0.34 12.53
N ARG E 90 -10.36 1.24 12.89
CA ARG E 90 -10.67 2.64 13.09
C ARG E 90 -9.97 3.46 12.03
N ASN E 91 -10.58 4.58 11.65
CA ASN E 91 -9.97 5.46 10.66
C ASN E 91 -8.67 6.03 11.21
N GLY E 92 -7.55 5.55 10.70
CA GLY E 92 -6.26 5.98 11.16
C GLY E 92 -5.14 5.13 10.61
N PRO E 93 -4.03 5.05 11.34
CA PRO E 93 -2.87 4.32 10.84
C PRO E 93 -3.14 2.87 10.44
N TRP E 94 -4.11 2.22 11.07
CA TRP E 94 -4.36 0.81 10.78
C TRP E 94 -5.12 0.60 9.49
N GLN E 95 -5.54 1.65 8.79
CA GLN E 95 -6.13 1.48 7.48
C GLN E 95 -5.13 1.03 6.45
N SER E 96 -3.84 1.26 6.67
CA SER E 96 -2.80 0.89 5.74
C SER E 96 -2.34 -0.55 5.90
N THR E 97 -2.80 -1.25 6.91
CA THR E 97 -2.32 -2.60 7.21
C THR E 97 -3.28 -3.66 6.68
N MET E 98 -2.73 -4.86 6.47
CA MET E 98 -3.55 -5.97 5.99
C MET E 98 -4.49 -6.46 7.08
N VAL E 99 -4.07 -6.41 8.35
CA VAL E 99 -4.96 -6.76 9.44
C VAL E 99 -6.03 -5.71 9.63
N GLY E 100 -5.80 -4.48 9.19
CA GLY E 100 -6.76 -3.42 9.35
C GLY E 100 -7.78 -3.37 8.23
N GLN E 101 -7.47 -4.00 7.11
CA GLN E 101 -8.42 -4.10 6.01
C GLN E 101 -9.18 -5.42 6.00
N ILE E 102 -8.57 -6.50 6.47
CA ILE E 102 -9.31 -7.74 6.66
C ILE E 102 -10.29 -7.60 7.81
N CYS E 103 -9.94 -6.83 8.83
CA CYS E 103 -10.84 -6.62 9.96
C CYS E 103 -12.13 -5.93 9.54
N ARG E 104 -12.07 -5.05 8.55
CA ARG E 104 -13.26 -4.32 8.14
C ARG E 104 -14.23 -5.18 7.36
N TYR E 105 -13.83 -6.39 6.97
CA TYR E 105 -14.74 -7.37 6.39
C TYR E 105 -15.41 -8.21 7.46
N TYR E 106 -15.16 -7.94 8.73
CA TYR E 106 -15.74 -8.66 9.83
C TYR E 106 -16.24 -7.66 10.86
N THR E 107 -17.07 -8.13 11.78
CA THR E 107 -17.72 -7.25 12.74
C THR E 107 -17.04 -7.25 14.10
N GLN E 108 -16.47 -8.36 14.52
CA GLN E 108 -15.84 -8.48 15.84
C GLN E 108 -14.48 -9.14 15.69
N TRP E 109 -13.53 -8.70 16.51
CA TRP E 109 -12.18 -9.24 16.49
C TRP E 109 -11.76 -9.60 17.90
N SER E 110 -10.72 -10.42 17.99
CA SER E 110 -10.20 -10.85 19.28
C SER E 110 -8.75 -11.28 19.10
N GLY E 111 -7.96 -11.09 20.12
CA GLY E 111 -6.58 -11.55 20.14
C GLY E 111 -5.59 -10.41 20.25
N SER E 112 -4.32 -10.80 20.39
CA SER E 112 -3.25 -9.84 20.57
C SER E 112 -2.81 -9.25 19.24
N LEU E 113 -2.26 -8.05 19.30
CA LEU E 113 -1.68 -7.38 18.15
C LEU E 113 -0.17 -7.37 18.27
N LYS E 114 0.47 -6.74 17.29
CA LYS E 114 1.93 -6.73 17.21
C LYS E 114 2.35 -5.58 16.31
N VAL E 115 3.06 -4.61 16.87
CA VAL E 115 3.56 -3.47 16.11
C VAL E 115 5.08 -3.52 16.19
N THR E 116 5.72 -3.97 15.11
CA THR E 116 7.17 -4.04 15.02
C THR E 116 7.71 -2.71 14.53
N PHE E 117 8.72 -2.18 15.22
CA PHE E 117 9.33 -0.91 14.87
C PHE E 117 10.74 -1.15 14.33
N MET E 118 11.11 -0.36 13.32
CA MET E 118 12.40 -0.49 12.66
C MET E 118 13.04 0.88 12.55
N PHE E 119 14.31 0.98 12.92
CA PHE E 119 15.02 2.25 12.97
C PHE E 119 15.91 2.38 11.74
N THR E 120 15.50 3.25 10.81
CA THR E 120 16.22 3.47 9.57
C THR E 120 17.08 4.73 9.68
N GLY E 121 18.10 4.64 10.52
CA GLY E 121 19.03 5.74 10.69
C GLY E 121 20.44 5.35 10.35
N SER E 122 21.42 6.16 10.75
CA SER E 122 22.80 5.81 10.51
C SER E 122 23.25 4.74 11.48
N PHE E 123 24.37 4.09 11.15
CA PHE E 123 24.95 3.12 12.05
C PHE E 123 25.53 3.79 13.29
N MET E 124 25.91 5.06 13.17
CA MET E 124 26.52 5.81 14.26
C MET E 124 25.49 6.49 15.15
N ALA E 125 24.21 6.40 14.82
CA ALA E 125 23.16 6.99 15.64
C ALA E 125 22.74 5.99 16.71
N THR E 126 22.76 6.43 17.96
CA THR E 126 22.29 5.63 19.08
C THR E 126 21.11 6.32 19.74
N GLY E 127 20.35 5.55 20.50
CA GLY E 127 19.23 6.11 21.24
C GLY E 127 18.47 5.02 21.97
N LYS E 128 17.56 5.47 22.83
CA LYS E 128 16.66 4.58 23.53
C LYS E 128 15.29 5.22 23.60
N MET E 129 14.25 4.42 23.32
CA MET E 129 12.88 4.91 23.28
C MET E 129 12.01 4.05 24.18
N LEU E 130 10.97 4.66 24.74
CA LEU E 130 9.98 3.97 25.57
C LEU E 130 8.66 3.95 24.83
N ILE E 131 8.29 2.78 24.32
CA ILE E 131 7.02 2.58 23.63
C ILE E 131 6.06 1.94 24.61
N ALA E 132 4.92 2.59 24.84
CA ALA E 132 4.01 2.20 25.91
C ALA E 132 2.60 1.99 25.36
N TYR E 133 1.94 0.95 25.86
CA TYR E 133 0.56 0.64 25.53
C TYR E 133 -0.32 0.97 26.73
N THR E 134 -1.22 1.94 26.57
CA THR E 134 -2.09 2.38 27.65
C THR E 134 -3.44 1.71 27.50
N PRO E 135 -3.81 0.78 28.38
CA PRO E 135 -5.08 0.07 28.26
C PRO E 135 -6.25 1.03 28.32
N PRO E 136 -7.45 0.58 27.94
CA PRO E 136 -8.60 1.50 27.88
C PRO E 136 -8.93 2.09 29.24
N GLY E 137 -9.52 3.28 29.20
CA GLY E 137 -9.90 3.99 30.40
C GLY E 137 -9.22 5.34 30.47
N SER E 138 -7.96 5.40 30.06
CA SER E 138 -7.17 6.61 30.15
C SER E 138 -7.00 7.24 28.77
N ALA E 139 -6.95 8.56 28.75
CA ALA E 139 -6.60 9.27 27.53
C ALA E 139 -5.13 9.07 27.22
N GLN E 140 -4.67 9.71 26.16
CA GLN E 140 -3.26 9.63 25.81
C GLN E 140 -2.42 10.16 26.96
N PRO E 141 -1.39 9.44 27.38
CA PRO E 141 -0.56 9.90 28.50
C PRO E 141 0.05 11.26 28.21
N THR E 142 -0.10 12.18 29.17
CA THR E 142 0.44 13.53 29.01
C THR E 142 1.93 13.60 29.30
N THR E 143 2.48 12.62 30.01
CA THR E 143 3.89 12.59 30.35
C THR E 143 4.41 11.17 30.21
N ARG E 144 5.74 11.02 30.29
CA ARG E 144 6.33 9.70 30.23
C ARG E 144 6.16 8.95 31.54
N GLU E 145 6.13 9.65 32.66
CA GLU E 145 5.89 9.00 33.95
C GLU E 145 4.50 8.36 33.98
N ALA E 146 3.54 8.92 33.27
CA ALA E 146 2.21 8.32 33.19
C ALA E 146 2.20 7.12 32.25
N ALA E 147 2.82 7.24 31.08
CA ALA E 147 2.84 6.14 30.14
C ALA E 147 3.65 4.97 30.66
N MET E 148 4.70 5.25 31.43
CA MET E 148 5.52 4.19 32.03
C MET E 148 4.68 3.19 32.81
N LEU E 149 3.52 3.61 33.32
CA LEU E 149 2.69 2.76 34.16
C LEU E 149 1.98 1.66 33.38
N GLY E 150 1.99 1.71 32.05
CA GLY E 150 1.35 0.69 31.24
C GLY E 150 2.35 -0.28 30.63
N THR E 151 1.81 -1.20 29.84
CA THR E 151 2.63 -2.17 29.12
C THR E 151 3.59 -1.45 28.20
N HIS E 152 4.88 -1.52 28.50
CA HIS E 152 5.88 -0.76 27.75
C HIS E 152 7.13 -1.58 27.57
N ILE E 153 7.88 -1.24 26.52
CA ILE E 153 9.21 -1.79 26.28
C ILE E 153 10.18 -0.64 26.11
N VAL E 154 11.41 -0.84 26.58
CA VAL E 154 12.50 0.09 26.30
C VAL E 154 13.32 -0.49 25.16
N TRP E 155 13.61 0.35 24.17
CA TRP E 155 14.18 -0.09 22.90
C TRP E 155 15.52 0.60 22.70
N ASP E 156 16.61 -0.18 22.73
CA ASP E 156 17.94 0.33 22.47
C ASP E 156 18.31 0.06 21.02
N PHE E 157 18.64 1.11 20.28
CA PHE E 157 19.11 0.94 18.92
C PHE E 157 20.44 0.18 18.93
N GLY E 158 20.70 -0.53 17.83
CA GLY E 158 21.93 -1.29 17.73
C GLY E 158 22.02 -2.11 16.47
N LEU E 159 22.70 -3.26 16.56
CA LEU E 159 22.81 -4.15 15.41
C LEU E 159 21.43 -4.62 14.96
N GLN E 160 20.72 -5.32 15.85
CA GLN E 160 19.35 -5.73 15.56
C GLN E 160 18.46 -4.50 15.56
N SER E 161 18.03 -4.07 14.38
CA SER E 161 17.43 -2.75 14.20
C SER E 161 15.91 -2.76 14.35
N SER E 162 15.34 -3.78 14.97
CA SER E 162 13.89 -3.88 15.07
C SER E 162 13.48 -4.35 16.46
N VAL E 163 12.30 -3.90 16.89
CA VAL E 163 11.74 -4.29 18.18
C VAL E 163 10.25 -4.56 17.99
N THR E 164 9.71 -5.46 18.82
CA THR E 164 8.32 -5.87 18.74
C THR E 164 7.59 -5.47 20.01
N LEU E 165 6.58 -4.62 19.87
CA LEU E 165 5.66 -4.31 20.97
C LEU E 165 4.42 -5.17 20.79
N VAL E 166 4.24 -6.14 21.67
CA VAL E 166 3.04 -6.97 21.65
C VAL E 166 1.96 -6.25 22.45
N ILE E 167 0.96 -5.73 21.76
CA ILE E 167 -0.22 -5.17 22.41
C ILE E 167 -1.02 -6.36 22.92
N PRO E 168 -1.04 -6.61 24.21
CA PRO E 168 -1.73 -7.80 24.71
C PRO E 168 -3.24 -7.59 24.74
N TRP E 169 -3.95 -8.70 24.83
CA TRP E 169 -5.41 -8.71 24.77
C TRP E 169 -5.96 -8.49 26.18
N ILE E 170 -6.19 -7.22 26.52
CA ILE E 170 -6.80 -6.83 27.78
C ILE E 170 -8.17 -6.27 27.43
N SER E 171 -9.21 -7.07 27.63
CA SER E 171 -10.55 -6.69 27.22
C SER E 171 -11.57 -7.13 28.25
N ASN E 172 -12.63 -6.33 28.39
CA ASN E 172 -13.78 -6.75 29.18
C ASN E 172 -14.41 -8.00 28.60
N THR E 173 -14.68 -7.98 27.30
CA THR E 173 -15.41 -9.04 26.62
C THR E 173 -14.47 -9.94 25.84
N HIS E 174 -14.99 -11.10 25.44
CA HIS E 174 -14.23 -12.02 24.61
C HIS E 174 -13.95 -11.46 23.22
N PHE E 175 -14.77 -10.52 22.76
CA PHE E 175 -14.59 -9.93 21.44
C PHE E 175 -14.77 -8.42 21.54
N ARG E 176 -14.20 -7.72 20.56
CA ARG E 176 -14.37 -6.29 20.40
C ARG E 176 -14.97 -6.01 19.03
N ALA E 177 -15.92 -5.10 18.97
CA ALA E 177 -16.50 -4.70 17.70
C ALA E 177 -15.50 -3.91 16.88
N VAL E 178 -15.44 -4.18 15.58
CA VAL E 178 -14.57 -3.41 14.70
C VAL E 178 -15.00 -1.96 14.65
N LYS E 179 -16.31 -1.70 14.72
CA LYS E 179 -16.80 -0.33 14.79
C LYS E 179 -16.37 0.31 16.09
N THR E 180 -15.98 1.58 16.01
CA THR E 180 -15.55 2.34 17.18
C THR E 180 -16.02 3.78 17.03
N GLY E 181 -16.30 4.42 18.15
CA GLY E 181 -16.78 5.79 18.13
C GLY E 181 -18.17 5.87 18.75
N GLY E 182 -18.34 6.86 19.61
CA GLY E 182 -19.61 7.01 20.30
C GLY E 182 -19.77 5.95 21.37
N VAL E 183 -20.93 5.30 21.39
CA VAL E 183 -21.17 4.24 22.37
C VAL E 183 -20.19 3.09 22.16
N TYR E 184 -19.70 2.91 20.95
CA TYR E 184 -18.79 1.81 20.63
C TYR E 184 -17.36 2.07 21.07
N ASP E 185 -17.11 3.13 21.83
CA ASP E 185 -15.84 3.25 22.53
C ASP E 185 -15.76 2.35 23.74
N TYR E 186 -16.86 1.66 24.06
CA TYR E 186 -16.81 0.54 24.98
C TYR E 186 -15.80 -0.50 24.54
N TYR E 187 -15.54 -0.57 23.22
CA TYR E 187 -14.61 -1.52 22.64
C TYR E 187 -13.29 -0.88 22.25
N ALA E 188 -12.94 0.26 22.84
CA ALA E 188 -11.66 0.89 22.54
C ALA E 188 -10.52 0.05 23.08
N THR E 189 -9.43 0.00 22.33
CA THR E 189 -8.33 -0.90 22.63
C THR E 189 -7.24 -0.22 23.44
N GLY E 190 -6.96 1.04 23.18
CA GLY E 190 -5.95 1.76 23.92
C GLY E 190 -5.20 2.72 23.02
N ILE E 191 -4.02 3.10 23.47
CA ILE E 191 -3.19 4.11 22.80
C ILE E 191 -1.74 3.69 22.94
N VAL E 192 -0.98 3.76 21.86
CA VAL E 192 0.44 3.47 21.86
C VAL E 192 1.20 4.77 21.64
N THR E 193 2.05 5.13 22.60
CA THR E 193 2.86 6.35 22.52
C THR E 193 4.34 5.97 22.55
N ILE E 194 5.14 6.73 21.80
CA ILE E 194 6.57 6.52 21.73
C ILE E 194 7.25 7.72 22.38
N TRP E 195 7.95 7.49 23.48
CA TRP E 195 8.67 8.53 24.19
C TRP E 195 10.17 8.34 24.03
N TYR E 196 10.93 9.39 24.34
CA TYR E 196 12.38 9.33 24.37
C TYR E 196 12.82 8.92 25.77
N GLN E 197 13.34 7.71 25.91
CA GLN E 197 13.91 7.30 27.18
C GLN E 197 15.22 8.03 27.43
N THR E 198 16.07 8.09 26.42
CA THR E 198 17.26 8.92 26.37
C THR E 198 17.17 9.74 25.09
N ASN E 199 18.25 10.42 24.75
CA ASN E 199 18.26 11.27 23.58
C ASN E 199 18.64 10.46 22.34
N PHE E 200 18.62 11.12 21.18
CA PHE E 200 19.07 10.57 19.91
C PHE E 200 20.43 11.18 19.62
N VAL E 201 21.50 10.46 19.95
CA VAL E 201 22.86 10.99 19.94
C VAL E 201 23.55 10.57 18.65
N VAL E 202 24.23 11.51 18.00
CA VAL E 202 24.97 11.25 16.77
C VAL E 202 26.35 11.88 16.86
N PRO E 203 27.37 11.28 16.24
CA PRO E 203 28.68 11.92 16.17
C PRO E 203 28.67 13.04 15.15
N PRO E 204 29.75 13.82 15.03
CA PRO E 204 29.78 14.87 14.02
C PRO E 204 29.72 14.29 12.61
N ASP E 205 29.27 15.12 11.67
CA ASP E 205 29.15 14.74 10.27
C ASP E 205 28.24 13.53 10.10
N THR E 206 27.07 13.58 10.74
CA THR E 206 26.09 12.52 10.73
C THR E 206 24.73 13.18 10.78
N PRO E 207 23.75 12.69 10.01
CA PRO E 207 22.42 13.31 10.04
C PRO E 207 21.79 13.26 11.43
N THR E 208 21.14 14.35 11.81
CA THR E 208 20.54 14.50 13.12
C THR E 208 19.06 14.10 13.17
N GLU E 209 18.49 13.71 12.04
CA GLU E 209 17.09 13.29 11.98
C GLU E 209 16.99 11.99 11.20
N ALA E 210 16.16 11.08 11.67
CA ALA E 210 15.98 9.79 11.04
C ALA E 210 14.49 9.45 11.08
N ASN E 211 14.17 8.19 10.79
CA ASN E 211 12.79 7.75 10.71
C ASN E 211 12.64 6.43 11.45
N ILE E 212 11.39 6.12 11.78
CA ILE E 212 11.02 4.82 12.34
C ILE E 212 9.88 4.27 11.48
N ILE E 213 10.01 3.01 11.06
CA ILE E 213 8.98 2.34 10.29
C ILE E 213 8.19 1.44 11.22
N ALA E 214 6.89 1.65 11.27
CA ALA E 214 6.00 0.80 12.07
C ALA E 214 5.38 -0.27 11.19
N LEU E 215 5.35 -1.50 11.71
CA LEU E 215 4.80 -2.64 10.99
C LEU E 215 3.84 -3.36 11.91
N GLY E 216 2.55 -3.23 11.63
CA GLY E 216 1.51 -3.83 12.46
C GLY E 216 1.07 -5.17 11.91
N ALA E 217 0.69 -6.05 12.84
CA ALA E 217 0.25 -7.40 12.48
C ALA E 217 -0.53 -7.97 13.65
N ALA E 218 -0.96 -9.21 13.50
CA ALA E 218 -1.73 -9.92 14.51
C ALA E 218 -0.95 -11.13 14.99
N GLN E 219 -1.24 -11.53 16.23
CA GLN E 219 -0.55 -12.65 16.85
C GLN E 219 -1.29 -13.95 16.57
N LYS E 220 -0.77 -15.05 17.15
CA LYS E 220 -1.30 -16.38 16.88
C LYS E 220 -2.68 -16.61 17.46
N ASN E 221 -3.16 -15.73 18.35
CA ASN E 221 -4.47 -15.89 18.98
C ASN E 221 -5.50 -14.91 18.42
N PHE E 222 -5.33 -14.51 17.16
CA PHE E 222 -6.24 -13.56 16.53
C PHE E 222 -7.42 -14.31 15.92
N THR E 223 -8.61 -13.71 16.04
CA THR E 223 -9.81 -14.31 15.49
C THR E 223 -10.76 -13.22 15.03
N LEU E 224 -11.63 -13.57 14.10
CA LEU E 224 -12.65 -12.68 13.55
C LEU E 224 -13.97 -13.42 13.48
N LYS E 225 -15.07 -12.67 13.54
CA LYS E 225 -16.40 -13.27 13.42
C LYS E 225 -17.37 -12.26 12.83
N LEU E 226 -18.53 -12.77 12.42
CA LEU E 226 -19.62 -11.98 11.85
C LEU E 226 -19.15 -11.22 10.61
N CYS E 227 -18.83 -12.01 9.58
CA CYS E 227 -18.41 -11.48 8.30
C CYS E 227 -19.40 -10.46 7.76
N LYS E 228 -18.88 -9.32 7.30
CA LYS E 228 -19.72 -8.23 6.82
C LYS E 228 -19.05 -7.56 5.64
N ASP E 229 -19.66 -6.49 5.16
CA ASP E 229 -19.12 -5.69 4.07
C ASP E 229 -18.24 -4.57 4.61
N THR E 230 -17.49 -3.94 3.71
CA THR E 230 -16.49 -2.95 4.06
C THR E 230 -16.97 -1.56 3.66
N ASP E 231 -16.48 -0.55 4.40
CA ASP E 231 -16.73 0.84 4.10
C ASP E 231 -15.58 1.49 3.36
N GLU E 232 -14.74 0.69 2.70
CA GLU E 232 -13.49 1.21 2.14
C GLU E 232 -13.72 1.91 0.80
N ILE E 233 -14.23 1.19 -0.19
CA ILE E 233 -14.39 1.74 -1.53
C ILE E 233 -15.87 1.86 -1.85
N GLN E 234 -16.19 2.84 -2.69
CA GLN E 234 -17.56 3.17 -3.04
C GLN E 234 -17.73 3.16 -4.55
N GLN E 235 -18.99 3.17 -4.98
CA GLN E 235 -19.32 3.11 -6.40
C GLN E 235 -20.62 3.87 -6.64
N THR E 236 -20.66 4.63 -7.73
CA THR E 236 -21.85 5.34 -8.14
C THR E 236 -22.41 4.89 -9.48
N ALA E 237 -21.68 4.07 -10.23
CA ALA E 237 -22.14 3.60 -11.53
C ALA E 237 -21.32 2.37 -11.89
N GLU E 238 -21.93 1.49 -12.68
CA GLU E 238 -21.23 0.30 -13.15
C GLU E 238 -20.02 0.70 -13.97
N TYR E 239 -18.91 -0.02 -13.76
CA TYR E 239 -17.65 0.27 -14.44
C TYR E 239 -17.77 -0.19 -15.87
N GLN E 240 -18.25 0.69 -16.74
CA GLN E 240 -18.44 0.40 -18.15
C GLN E 240 -18.84 1.64 -18.91
N GLU F 9 -24.67 -49.53 5.20
CA GLU F 9 -25.06 -48.68 6.31
C GLU F 9 -23.86 -47.90 6.84
N SER F 10 -23.02 -47.44 5.92
CA SER F 10 -21.83 -46.65 6.27
C SER F 10 -22.02 -45.17 6.00
N ALA F 11 -23.22 -44.76 5.55
CA ALA F 11 -23.52 -43.34 5.37
C ALA F 11 -24.05 -42.68 6.63
N VAL F 12 -24.54 -43.47 7.59
CA VAL F 12 -24.97 -42.90 8.86
C VAL F 12 -23.79 -42.31 9.62
N SER F 13 -22.58 -42.85 9.41
CA SER F 13 -21.38 -42.27 9.98
C SER F 13 -20.97 -41.01 9.23
N ALA F 14 -21.25 -40.94 7.92
CA ALA F 14 -20.93 -39.76 7.15
C ALA F 14 -21.90 -38.63 7.42
N LEU F 15 -23.19 -38.96 7.60
CA LEU F 15 -24.18 -37.93 7.87
C LEU F 15 -24.01 -37.28 9.24
N ALA F 16 -23.37 -37.97 10.18
CA ALA F 16 -23.15 -37.39 11.49
C ALA F 16 -22.04 -36.34 11.46
N ASP F 17 -21.02 -36.54 10.63
CA ASP F 17 -19.91 -35.61 10.52
C ASP F 17 -20.19 -34.44 9.59
N THR F 18 -21.45 -34.23 9.21
CA THR F 18 -21.79 -33.13 8.30
C THR F 18 -22.17 -31.87 9.07
N THR F 19 -21.29 -31.45 9.98
CA THR F 19 -21.47 -30.22 10.74
C THR F 19 -20.14 -29.48 10.81
N ILE F 20 -20.23 -28.19 11.07
CA ILE F 20 -19.04 -27.33 11.15
C ILE F 20 -18.47 -27.48 12.55
N SER F 21 -17.47 -28.36 12.70
CA SER F 21 -16.79 -28.49 13.98
C SER F 21 -15.95 -27.26 14.26
N ARG F 22 -15.89 -26.87 15.53
CA ARG F 22 -15.18 -25.66 15.91
C ARG F 22 -13.70 -25.94 16.08
N VAL F 23 -12.87 -25.11 15.46
CA VAL F 23 -11.43 -25.10 15.65
C VAL F 23 -11.09 -23.85 16.44
N THR F 24 -10.54 -24.02 17.63
CA THR F 24 -10.36 -22.91 18.54
C THR F 24 -9.08 -22.14 18.22
N ALA F 25 -9.01 -20.93 18.75
CA ALA F 25 -7.84 -20.09 18.58
C ALA F 25 -6.74 -20.53 19.55
N ALA F 26 -5.58 -19.90 19.45
CA ALA F 26 -4.42 -20.34 20.22
C ALA F 26 -4.56 -19.96 21.68
N ASN F 27 -4.02 -20.81 22.54
CA ASN F 27 -4.02 -20.59 23.98
C ASN F 27 -2.82 -19.76 24.40
N THR F 28 -2.90 -19.22 25.61
CA THR F 28 -1.79 -18.51 26.23
C THR F 28 -1.27 -19.31 27.41
N ALA F 29 0.06 -19.43 27.50
CA ALA F 29 0.70 -20.11 28.62
C ALA F 29 1.12 -19.10 29.67
N ALA F 30 1.14 -19.53 30.92
CA ALA F 30 1.57 -18.67 32.00
C ALA F 30 3.06 -18.38 31.88
N SER F 31 3.45 -17.14 32.16
CA SER F 31 4.82 -16.71 32.04
C SER F 31 5.26 -16.03 33.34
N THR F 32 6.56 -16.11 33.61
CA THR F 32 7.19 -15.45 34.75
C THR F 32 8.13 -14.37 34.25
N HIS F 33 8.83 -13.74 35.17
CA HIS F 33 9.80 -12.73 34.80
C HIS F 33 11.13 -13.36 34.44
N SER F 34 11.87 -12.69 33.55
CA SER F 34 13.15 -13.18 33.07
C SER F 34 14.18 -12.07 33.24
N LEU F 35 15.21 -12.34 34.03
CA LEU F 35 16.32 -11.41 34.24
C LEU F 35 17.60 -12.16 33.92
N GLY F 36 18.08 -11.98 32.69
CA GLY F 36 19.31 -12.64 32.26
C GLY F 36 19.79 -12.01 30.97
N THR F 37 20.89 -12.54 30.46
CA THR F 37 21.51 -12.03 29.26
C THR F 37 21.44 -13.06 28.14
N GLY F 38 21.58 -12.57 26.91
CA GLY F 38 21.64 -13.43 25.75
C GLY F 38 20.33 -14.04 25.31
N ARG F 39 19.25 -13.79 26.03
CA ARG F 39 17.91 -14.27 25.66
C ARG F 39 17.06 -13.04 25.37
N VAL F 40 16.96 -12.68 24.10
CA VAL F 40 16.32 -11.44 23.69
C VAL F 40 15.11 -11.74 22.81
N PRO F 41 14.01 -12.23 23.37
CA PRO F 41 12.87 -12.63 22.53
C PRO F 41 12.07 -11.46 21.99
N ALA F 42 12.54 -10.22 22.19
CA ALA F 42 11.84 -9.04 21.72
C ALA F 42 12.59 -8.25 20.67
N LEU F 43 13.87 -8.57 20.42
CA LEU F 43 14.65 -7.90 19.40
C LEU F 43 14.56 -8.69 18.10
N GLN F 44 14.25 -7.99 17.01
CA GLN F 44 13.99 -8.61 15.72
C GLN F 44 14.85 -7.94 14.66
N ALA F 45 14.77 -8.46 13.44
CA ALA F 45 15.41 -7.86 12.27
C ALA F 45 14.39 -7.88 11.13
N ALA F 46 13.68 -6.78 10.94
CA ALA F 46 12.65 -6.73 9.91
C ALA F 46 13.22 -6.70 8.51
N GLU F 47 14.51 -6.39 8.36
CA GLU F 47 15.15 -6.45 7.05
C GLU F 47 15.19 -7.86 6.51
N THR F 48 15.04 -8.87 7.37
CA THR F 48 15.02 -10.25 6.93
C THR F 48 13.87 -10.52 5.98
N GLY F 49 12.73 -9.86 6.20
CA GLY F 49 11.53 -10.12 5.45
C GLY F 49 10.53 -11.00 6.17
N ALA F 50 10.92 -11.59 7.28
CA ALA F 50 10.03 -12.41 8.08
C ALA F 50 9.30 -11.56 9.11
N SER F 51 8.08 -11.97 9.42
CA SER F 51 7.33 -11.31 10.48
C SER F 51 7.90 -11.67 11.85
N SER F 52 7.56 -10.88 12.85
CA SER F 52 8.15 -11.04 14.16
C SER F 52 7.70 -12.35 14.80
N ASN F 53 8.67 -13.12 15.29
CA ASN F 53 8.41 -14.37 16.00
C ASN F 53 8.08 -14.15 17.47
N SER F 54 8.08 -12.91 17.94
CA SER F 54 7.86 -12.63 19.35
C SER F 54 6.43 -12.96 19.75
N SER F 55 6.29 -13.69 20.85
CA SER F 55 5.00 -14.07 21.40
C SER F 55 4.71 -13.26 22.65
N ASP F 56 3.44 -13.30 23.07
CA ASP F 56 3.03 -12.54 24.25
C ASP F 56 3.66 -13.08 25.52
N GLU F 57 3.84 -14.40 25.60
CA GLU F 57 4.38 -15.02 26.80
C GLU F 57 5.84 -14.69 27.05
N ASN F 58 6.47 -13.91 26.17
CA ASN F 58 7.87 -13.53 26.34
C ASN F 58 8.07 -12.03 26.46
N LEU F 59 7.01 -11.23 26.32
CA LEU F 59 7.08 -9.80 26.48
C LEU F 59 6.50 -9.31 27.81
N ILE F 60 5.44 -9.95 28.30
CA ILE F 60 4.84 -9.61 29.58
C ILE F 60 4.58 -10.90 30.34
N GLU F 61 4.36 -10.75 31.65
CA GLU F 61 3.95 -11.87 32.48
C GLU F 61 2.48 -12.18 32.21
N THR F 62 2.22 -13.32 31.60
CA THR F 62 0.89 -13.70 31.14
C THR F 62 0.29 -14.76 32.05
N ARG F 63 -1.01 -14.96 31.90
CA ARG F 63 -1.75 -15.99 32.61
C ARG F 63 -2.07 -17.13 31.66
N CYS F 64 -2.62 -18.20 32.21
CA CYS F 64 -3.06 -19.34 31.41
C CYS F 64 -4.49 -19.08 30.94
N VAL F 65 -4.66 -18.92 29.64
CA VAL F 65 -5.97 -18.79 29.02
C VAL F 65 -6.19 -19.99 28.11
N MET F 66 -7.32 -20.67 28.30
CA MET F 66 -7.74 -21.75 27.40
C MET F 66 -8.74 -21.12 26.44
N ASN F 67 -8.24 -20.69 25.29
CA ASN F 67 -9.03 -19.91 24.34
C ASN F 67 -10.00 -20.82 23.61
N ARG F 68 -11.29 -20.49 23.66
CA ARG F 68 -12.33 -21.26 22.99
C ARG F 68 -12.99 -20.48 21.85
N ASN F 69 -12.30 -19.47 21.32
CA ASN F 69 -12.84 -18.69 20.22
C ASN F 69 -12.60 -19.42 18.90
N GLY F 70 -13.63 -19.47 18.07
CA GLY F 70 -13.53 -20.18 16.81
C GLY F 70 -12.88 -19.35 15.72
N VAL F 71 -12.33 -20.05 14.73
CA VAL F 71 -11.59 -19.41 13.64
C VAL F 71 -12.11 -19.90 12.30
N ASN F 72 -13.35 -20.40 12.26
CA ASN F 72 -13.86 -21.04 11.05
C ASN F 72 -14.33 -20.02 10.02
N GLU F 73 -14.97 -18.94 10.45
CA GLU F 73 -15.49 -17.97 9.50
C GLU F 73 -14.40 -17.17 8.79
N ALA F 74 -13.13 -17.44 9.10
CA ALA F 74 -12.02 -16.80 8.42
C ALA F 74 -11.47 -17.61 7.27
N SER F 75 -12.05 -18.77 7.00
CA SER F 75 -11.64 -19.57 5.86
C SER F 75 -11.93 -18.84 4.55
N VAL F 76 -11.21 -19.23 3.51
CA VAL F 76 -11.46 -18.65 2.20
C VAL F 76 -12.78 -19.15 1.61
N GLU F 77 -13.26 -20.30 2.07
CA GLU F 77 -14.57 -20.77 1.64
C GLU F 77 -15.67 -19.86 2.19
N HIS F 78 -15.67 -19.65 3.50
CA HIS F 78 -16.72 -18.85 4.13
C HIS F 78 -16.62 -17.39 3.72
N PHE F 79 -15.40 -16.89 3.51
CA PHE F 79 -15.22 -15.50 3.10
C PHE F 79 -15.79 -15.25 1.72
N TYR F 80 -15.73 -16.25 0.84
CA TYR F 80 -16.15 -16.08 -0.54
C TYR F 80 -17.51 -16.68 -0.86
N SER F 81 -17.91 -17.76 -0.19
CA SER F 81 -19.18 -18.42 -0.47
C SER F 81 -20.32 -17.54 0.07
N ARG F 82 -20.63 -16.49 -0.67
CA ARG F 82 -21.70 -15.56 -0.33
C ARG F 82 -22.07 -14.80 -1.59
N ALA F 83 -23.34 -14.85 -1.96
CA ALA F 83 -23.77 -14.29 -3.24
C ALA F 83 -23.55 -12.79 -3.29
N GLY F 84 -23.36 -12.28 -4.50
CA GLY F 84 -23.10 -10.86 -4.70
C GLY F 84 -23.35 -10.47 -6.14
N LEU F 85 -23.71 -9.21 -6.34
CA LEU F 85 -24.11 -8.73 -7.65
C LEU F 85 -22.91 -8.68 -8.58
N VAL F 86 -23.01 -9.39 -9.71
CA VAL F 86 -21.95 -9.42 -10.71
C VAL F 86 -22.46 -8.95 -12.08
N GLY F 87 -23.71 -8.50 -12.16
CA GLY F 87 -24.21 -8.03 -13.43
C GLY F 87 -25.65 -7.53 -13.41
N VAL F 88 -25.94 -6.52 -14.23
CA VAL F 88 -27.30 -6.01 -14.37
C VAL F 88 -27.59 -5.83 -15.86
N VAL F 89 -28.36 -6.76 -16.42
CA VAL F 89 -28.74 -6.72 -17.83
C VAL F 89 -30.16 -6.20 -17.93
N GLU F 90 -30.37 -5.25 -18.84
CA GLU F 90 -31.68 -4.63 -19.04
C GLU F 90 -32.20 -5.03 -20.42
N VAL F 91 -33.23 -5.86 -20.43
CA VAL F 91 -33.86 -6.29 -21.68
C VAL F 91 -34.89 -5.23 -22.08
N LYS F 92 -34.56 -4.44 -23.09
CA LYS F 92 -35.38 -3.31 -23.50
C LYS F 92 -36.34 -3.73 -24.60
N ASP F 93 -37.61 -3.37 -24.44
CA ASP F 93 -38.60 -3.54 -25.51
C ASP F 93 -39.54 -2.36 -25.58
N SER F 94 -39.13 -1.19 -25.10
CA SER F 94 -39.98 -0.01 -25.06
C SER F 94 -39.25 1.19 -25.64
N GLY F 95 -40.00 2.10 -26.22
CA GLY F 95 -39.46 3.36 -26.71
C GLY F 95 -38.66 3.23 -27.99
N THR F 96 -37.39 3.61 -27.95
CA THR F 96 -36.53 3.58 -29.12
C THR F 96 -35.63 2.35 -29.16
N SER F 97 -35.83 1.39 -28.26
CA SER F 97 -35.11 0.12 -28.27
C SER F 97 -36.15 -0.99 -28.18
N LEU F 98 -36.69 -1.36 -29.33
CA LEU F 98 -37.70 -2.42 -29.42
C LEU F 98 -37.03 -3.75 -29.77
N ASP F 99 -36.08 -4.13 -28.93
CA ASP F 99 -35.23 -5.28 -29.23
C ASP F 99 -35.81 -6.57 -28.68
N GLY F 100 -36.14 -6.61 -27.39
CA GLY F 100 -36.66 -7.81 -26.78
C GLY F 100 -35.62 -8.79 -26.33
N TYR F 101 -34.33 -8.44 -26.42
CA TYR F 101 -33.25 -9.36 -26.11
C TYR F 101 -32.01 -8.53 -25.80
N THR F 102 -31.11 -9.13 -25.01
CA THR F 102 -29.80 -8.56 -24.76
C THR F 102 -28.78 -9.68 -24.71
N VAL F 103 -27.57 -9.37 -25.19
CA VAL F 103 -26.44 -10.27 -25.10
C VAL F 103 -25.41 -9.59 -24.21
N TRP F 104 -25.16 -10.18 -23.05
CA TRP F 104 -24.33 -9.56 -22.02
C TRP F 104 -23.04 -10.32 -21.84
N PRO F 105 -21.88 -9.66 -21.94
CA PRO F 105 -20.62 -10.34 -21.68
C PRO F 105 -20.45 -10.67 -20.21
N ILE F 106 -19.89 -11.83 -19.92
CA ILE F 106 -19.74 -12.33 -18.56
C ILE F 106 -18.45 -11.74 -18.00
N ASP F 107 -18.58 -10.68 -17.21
CA ASP F 107 -17.46 -10.09 -16.49
C ASP F 107 -17.91 -9.83 -15.06
N VAL F 108 -17.17 -10.38 -14.10
CA VAL F 108 -17.53 -10.27 -12.69
C VAL F 108 -16.83 -9.09 -12.04
N MET F 109 -16.25 -8.21 -12.85
CA MET F 109 -15.44 -7.11 -12.35
C MET F 109 -16.09 -5.77 -12.69
N GLY F 110 -17.41 -5.71 -12.57
CA GLY F 110 -18.13 -4.47 -12.85
C GLY F 110 -18.76 -3.85 -11.63
N PHE F 111 -18.66 -4.52 -10.48
CA PHE F 111 -19.25 -4.05 -9.24
C PHE F 111 -18.22 -4.18 -8.12
N VAL F 112 -18.13 -3.13 -7.30
CA VAL F 112 -16.97 -2.95 -6.42
C VAL F 112 -16.92 -4.00 -5.33
N GLN F 113 -18.07 -4.48 -4.86
CA GLN F 113 -18.07 -5.35 -3.68
C GLN F 113 -17.50 -6.73 -4.01
N GLN F 114 -17.98 -7.34 -5.10
CA GLN F 114 -17.41 -8.62 -5.51
C GLN F 114 -16.01 -8.45 -6.07
N ARG F 115 -15.73 -7.32 -6.73
CA ARG F 115 -14.45 -7.14 -7.37
C ARG F 115 -13.32 -7.04 -6.34
N ARG F 116 -13.52 -6.24 -5.29
CA ARG F 116 -12.47 -6.03 -4.31
C ARG F 116 -12.16 -7.31 -3.53
N LYS F 117 -13.17 -8.17 -3.31
CA LYS F 117 -12.92 -9.42 -2.64
C LYS F 117 -12.15 -10.38 -3.53
N LEU F 118 -12.47 -10.41 -4.83
CA LEU F 118 -11.80 -11.34 -5.72
C LEU F 118 -10.35 -10.93 -5.97
N GLU F 119 -10.10 -9.62 -6.07
CA GLU F 119 -8.76 -9.13 -6.34
C GLU F 119 -7.84 -9.22 -5.13
N LEU F 120 -8.27 -9.88 -4.05
CA LEU F 120 -7.36 -10.24 -2.98
C LEU F 120 -6.45 -11.39 -3.38
N SER F 121 -6.87 -12.20 -4.35
CA SER F 121 -6.11 -13.33 -4.83
C SER F 121 -5.68 -13.11 -6.27
N THR F 122 -4.52 -13.65 -6.62
CA THR F 122 -4.06 -13.57 -8.01
C THR F 122 -4.69 -14.66 -8.86
N TYR F 123 -4.75 -15.88 -8.34
CA TYR F 123 -5.32 -17.01 -9.05
C TYR F 123 -6.41 -17.63 -8.19
N MET F 124 -7.59 -17.80 -8.77
CA MET F 124 -8.69 -18.49 -8.11
C MET F 124 -9.24 -19.58 -9.02
N ARG F 125 -9.63 -20.69 -8.41
CA ARG F 125 -10.23 -21.82 -9.11
C ARG F 125 -11.46 -22.23 -8.32
N PHE F 126 -12.64 -22.03 -8.89
CA PHE F 126 -13.87 -22.23 -8.13
C PHE F 126 -15.01 -22.64 -9.06
N ASP F 127 -15.95 -23.39 -8.51
CA ASP F 127 -17.26 -23.56 -9.09
C ASP F 127 -18.19 -22.47 -8.57
N ALA F 128 -19.28 -22.24 -9.27
CA ALA F 128 -20.13 -21.11 -8.97
C ALA F 128 -21.60 -21.49 -9.04
N GLU F 129 -22.42 -20.69 -8.37
CA GLU F 129 -23.87 -20.74 -8.44
C GLU F 129 -24.38 -19.38 -8.87
N PHE F 130 -25.17 -19.35 -9.93
CA PHE F 130 -25.66 -18.11 -10.51
C PHE F 130 -27.17 -18.03 -10.33
N THR F 131 -27.61 -16.99 -9.65
CA THR F 131 -29.03 -16.74 -9.43
C THR F 131 -29.44 -15.48 -10.17
N PHE F 132 -30.64 -15.49 -10.73
CA PHE F 132 -31.13 -14.40 -11.57
C PHE F 132 -32.39 -13.82 -10.96
N VAL F 133 -32.33 -12.56 -10.57
CA VAL F 133 -33.46 -11.86 -9.96
C VAL F 133 -33.94 -10.84 -10.97
N SER F 134 -35.04 -11.15 -11.64
CA SER F 134 -35.57 -10.32 -12.71
C SER F 134 -36.91 -9.74 -12.31
N ASN F 135 -37.17 -8.51 -12.75
CA ASN F 135 -38.41 -7.82 -12.44
C ASN F 135 -38.55 -6.65 -13.42
N LEU F 136 -39.57 -5.83 -13.20
CA LEU F 136 -39.82 -4.66 -14.02
C LEU F 136 -39.31 -3.41 -13.30
N ASN F 137 -39.63 -2.23 -13.86
CA ASN F 137 -39.15 -0.99 -13.28
C ASN F 137 -39.84 -0.65 -11.97
N ASN F 138 -40.97 -1.29 -11.66
CA ASN F 138 -41.73 -1.00 -10.45
C ASN F 138 -41.81 -2.23 -9.55
N SER F 139 -40.74 -3.02 -9.53
CA SER F 139 -40.58 -4.15 -8.61
C SER F 139 -41.60 -5.26 -8.85
N THR F 140 -42.46 -5.10 -9.85
CA THR F 140 -43.51 -6.06 -10.09
C THR F 140 -42.99 -7.23 -10.94
N THR F 141 -43.64 -8.38 -10.79
CA THR F 141 -43.20 -9.62 -11.41
C THR F 141 -44.41 -10.31 -12.05
N PRO F 142 -44.83 -9.87 -13.24
CA PRO F 142 -45.90 -10.57 -13.95
C PRO F 142 -45.47 -11.93 -14.46
N GLY F 143 -46.35 -12.61 -15.19
CA GLY F 143 -46.04 -13.95 -15.68
C GLY F 143 -45.43 -13.95 -17.07
N MET F 144 -44.51 -13.03 -17.33
CA MET F 144 -43.81 -13.01 -18.61
C MET F 144 -42.75 -14.09 -18.64
N LEU F 145 -42.71 -14.85 -19.73
CA LEU F 145 -41.76 -15.94 -19.88
C LEU F 145 -40.46 -15.41 -20.46
N LEU F 146 -39.34 -15.83 -19.86
CA LEU F 146 -38.02 -15.38 -20.26
C LEU F 146 -37.12 -16.60 -20.50
N GLN F 147 -36.22 -16.47 -21.47
CA GLN F 147 -35.21 -17.47 -21.73
C GLN F 147 -33.83 -16.91 -21.44
N TYR F 148 -33.09 -17.59 -20.58
CA TYR F 148 -31.73 -17.20 -20.19
C TYR F 148 -30.77 -18.17 -20.86
N MET F 149 -30.34 -17.84 -22.07
CA MET F 149 -29.44 -18.71 -22.80
C MET F 149 -27.99 -18.32 -22.52
N TYR F 150 -27.13 -19.32 -22.42
CA TYR F 150 -25.69 -19.15 -22.25
C TYR F 150 -24.98 -19.44 -23.57
N VAL F 151 -24.20 -18.47 -24.03
CA VAL F 151 -23.53 -18.55 -25.33
C VAL F 151 -22.02 -18.65 -25.11
N PRO F 152 -21.46 -19.86 -25.08
CA PRO F 152 -20.01 -20.00 -24.89
C PRO F 152 -19.25 -19.36 -26.02
N PRO F 153 -17.94 -19.12 -25.86
CA PRO F 153 -17.17 -18.47 -26.92
C PRO F 153 -17.13 -19.33 -28.18
N GLY F 154 -17.41 -18.71 -29.32
CA GLY F 154 -17.47 -19.38 -30.59
C GLY F 154 -18.88 -19.68 -31.05
N ALA F 155 -19.83 -19.82 -30.12
CA ALA F 155 -21.20 -20.07 -30.48
C ALA F 155 -21.81 -18.82 -31.12
N PRO F 156 -22.80 -18.99 -31.98
CA PRO F 156 -23.40 -17.82 -32.64
C PRO F 156 -24.29 -17.03 -31.70
N LYS F 157 -24.20 -15.71 -31.79
CA LYS F 157 -24.94 -14.86 -30.87
C LYS F 157 -26.21 -14.34 -31.51
N PRO F 158 -27.30 -14.32 -30.74
CA PRO F 158 -28.60 -13.92 -31.31
C PRO F 158 -28.58 -12.51 -31.87
N ASP F 159 -29.49 -12.26 -32.81
CA ASP F 159 -29.61 -10.98 -33.47
C ASP F 159 -31.04 -10.44 -33.46
N SER F 160 -31.98 -11.17 -32.89
CA SER F 160 -33.37 -10.74 -32.76
C SER F 160 -34.03 -11.59 -31.71
N ARG F 161 -35.29 -11.29 -31.41
CA ARG F 161 -36.05 -12.11 -30.47
C ARG F 161 -36.52 -13.42 -31.09
N LYS F 162 -36.43 -13.56 -32.41
CA LYS F 162 -37.00 -14.69 -33.15
C LYS F 162 -35.97 -15.26 -34.11
N SER F 163 -34.76 -15.49 -33.63
CA SER F 163 -33.67 -15.98 -34.47
C SER F 163 -33.29 -17.39 -34.07
N TYR F 164 -32.63 -18.09 -35.00
CA TYR F 164 -32.46 -19.53 -34.89
C TYR F 164 -31.63 -19.93 -33.68
N GLN F 165 -30.77 -19.04 -33.17
CA GLN F 165 -29.89 -19.41 -32.08
C GLN F 165 -30.65 -19.73 -30.80
N TRP F 166 -31.88 -19.23 -30.68
CA TRP F 166 -32.70 -19.49 -29.50
C TRP F 166 -33.24 -20.92 -29.45
N GLN F 167 -32.88 -21.77 -30.41
CA GLN F 167 -33.32 -23.16 -30.36
C GLN F 167 -32.59 -23.97 -29.32
N THR F 168 -31.47 -23.45 -28.79
CA THR F 168 -30.68 -24.04 -27.70
C THR F 168 -30.63 -25.56 -27.77
N ALA F 169 -30.17 -26.06 -28.92
CA ALA F 169 -30.02 -27.51 -29.06
C ALA F 169 -28.84 -28.03 -28.25
N THR F 170 -27.80 -27.22 -28.07
CA THR F 170 -26.63 -27.63 -27.32
C THR F 170 -26.28 -26.65 -26.22
N ASN F 171 -26.62 -25.37 -26.42
CA ASN F 171 -26.37 -24.37 -25.38
C ASN F 171 -27.29 -24.59 -24.19
N PRO F 172 -26.83 -24.32 -22.98
CA PRO F 172 -27.71 -24.41 -21.81
C PRO F 172 -28.64 -23.20 -21.75
N SER F 173 -29.94 -23.48 -21.65
CA SER F 173 -30.93 -22.43 -21.50
C SER F 173 -31.83 -22.75 -20.32
N VAL F 174 -32.34 -21.69 -19.69
CA VAL F 174 -33.28 -21.79 -18.58
C VAL F 174 -34.51 -20.99 -18.95
N PHE F 175 -35.67 -21.65 -19.00
CA PHE F 175 -36.94 -20.99 -19.23
C PHE F 175 -37.62 -20.78 -17.89
N ALA F 176 -37.95 -19.53 -17.57
CA ALA F 176 -38.62 -19.21 -16.32
C ALA F 176 -39.48 -17.98 -16.53
N LYS F 177 -40.38 -17.75 -15.59
CA LYS F 177 -41.21 -16.56 -15.58
C LYS F 177 -40.72 -15.58 -14.51
N LEU F 178 -41.11 -14.32 -14.66
CA LEU F 178 -40.87 -13.35 -13.62
C LEU F 178 -41.62 -13.69 -12.34
N SER F 179 -42.71 -14.45 -12.45
CA SER F 179 -43.57 -14.77 -11.31
C SER F 179 -43.17 -16.09 -10.65
N ASP F 180 -41.90 -16.43 -10.67
CA ASP F 180 -41.38 -17.67 -10.12
C ASP F 180 -40.15 -17.37 -9.29
N PRO F 181 -39.76 -18.28 -8.40
CA PRO F 181 -38.51 -18.10 -7.65
C PRO F 181 -37.34 -17.86 -8.59
N PRO F 182 -36.33 -17.12 -8.15
CA PRO F 182 -35.22 -16.79 -9.03
C PRO F 182 -34.52 -18.03 -9.55
N PRO F 183 -34.30 -18.13 -10.85
CA PRO F 183 -33.57 -19.27 -11.39
C PRO F 183 -32.16 -19.35 -10.84
N GLN F 184 -31.72 -20.57 -10.55
CA GLN F 184 -30.41 -20.82 -9.97
C GLN F 184 -29.79 -22.01 -10.67
N VAL F 185 -28.48 -21.95 -10.88
CA VAL F 185 -27.79 -22.92 -11.71
C VAL F 185 -26.34 -23.00 -11.25
N SER F 186 -25.82 -24.22 -11.19
CA SER F 186 -24.44 -24.46 -10.79
C SER F 186 -23.53 -24.49 -12.00
N VAL F 187 -22.50 -23.66 -11.98
CA VAL F 187 -21.56 -23.52 -13.10
C VAL F 187 -20.21 -24.07 -12.66
N PRO F 188 -19.56 -24.89 -13.47
CA PRO F 188 -18.26 -25.45 -13.07
C PRO F 188 -17.10 -24.51 -13.34
N PHE F 189 -15.89 -24.99 -13.12
CA PHE F 189 -14.69 -24.25 -13.48
C PHE F 189 -14.47 -24.37 -14.99
N MET F 190 -14.51 -23.24 -15.69
CA MET F 190 -14.59 -23.26 -17.15
C MET F 190 -13.46 -22.48 -17.81
N SER F 191 -12.23 -22.72 -17.39
CA SER F 191 -11.13 -22.00 -17.99
C SER F 191 -10.16 -22.98 -18.64
N PRO F 192 -9.59 -22.63 -19.81
CA PRO F 192 -8.52 -23.46 -20.36
C PRO F 192 -7.35 -23.65 -19.41
N ALA F 193 -7.00 -22.62 -18.64
CA ALA F 193 -5.94 -22.71 -17.66
C ALA F 193 -6.42 -23.50 -16.44
N THR F 194 -5.54 -23.64 -15.45
CA THR F 194 -5.84 -24.36 -14.24
C THR F 194 -6.45 -23.46 -13.16
N ALA F 195 -6.57 -22.16 -13.41
CA ALA F 195 -7.11 -21.22 -12.45
C ALA F 195 -7.42 -19.93 -13.18
N TYR F 196 -8.46 -19.24 -12.72
CA TYR F 196 -8.74 -17.91 -13.23
C TYR F 196 -7.63 -16.96 -12.83
N GLN F 197 -7.66 -15.76 -13.39
CA GLN F 197 -6.53 -14.84 -13.23
C GLN F 197 -7.09 -13.41 -13.29
N TRP F 198 -7.20 -12.77 -12.14
CA TRP F 198 -7.68 -11.39 -12.12
C TRP F 198 -6.62 -10.39 -12.48
N PHE F 199 -5.35 -10.80 -12.52
CA PHE F 199 -4.25 -9.93 -12.90
C PHE F 199 -3.36 -10.69 -13.87
N TYR F 200 -3.35 -10.26 -15.12
CA TYR F 200 -2.52 -10.86 -16.16
C TYR F 200 -1.52 -9.81 -16.63
N ASP F 201 -0.25 -10.01 -16.32
CA ASP F 201 0.80 -9.07 -16.69
C ASP F 201 1.38 -9.50 -18.03
N GLY F 202 0.72 -9.08 -19.09
CA GLY F 202 1.17 -9.43 -20.42
C GLY F 202 0.10 -9.09 -21.45
N TYR F 203 0.35 -9.54 -22.66
CA TYR F 203 -0.51 -9.29 -23.81
C TYR F 203 -1.04 -10.61 -24.36
N PRO F 204 -2.22 -10.59 -24.99
CA PRO F 204 -2.77 -11.85 -25.50
C PRO F 204 -2.04 -12.36 -26.72
N THR F 205 -1.64 -11.47 -27.62
CA THR F 205 -1.07 -11.84 -28.90
C THR F 205 0.34 -11.28 -29.01
N PHE F 206 1.16 -11.96 -29.82
CA PHE F 206 2.49 -11.46 -30.14
C PHE F 206 2.40 -10.21 -31.01
N GLY F 207 3.48 -9.45 -31.04
CA GLY F 207 3.54 -8.30 -31.91
C GLY F 207 4.18 -7.08 -31.30
N GLU F 208 4.36 -6.04 -32.11
CA GLU F 208 4.86 -4.75 -31.64
C GLU F 208 3.69 -3.96 -31.10
N HIS F 209 3.61 -3.87 -29.77
CA HIS F 209 2.48 -3.23 -29.10
C HIS F 209 2.68 -1.72 -29.03
N LYS F 210 2.77 -1.11 -30.21
CA LYS F 210 3.07 0.31 -30.35
C LYS F 210 1.84 1.11 -30.74
N GLN F 211 0.66 0.63 -30.38
CA GLN F 211 -0.57 1.34 -30.68
C GLN F 211 -0.75 2.51 -29.73
N ALA F 212 -1.53 3.50 -30.18
CA ALA F 212 -1.84 4.64 -29.32
C ALA F 212 -2.68 4.19 -28.13
N THR F 213 -3.73 3.41 -28.39
CA THR F 213 -4.58 2.84 -27.35
C THR F 213 -4.15 1.39 -27.13
N ASN F 214 -3.49 1.14 -26.00
CA ASN F 214 -2.99 -0.18 -25.65
C ASN F 214 -4.09 -1.00 -24.97
N LEU F 215 -5.22 -1.12 -25.67
CA LEU F 215 -6.44 -1.72 -25.14
C LEU F 215 -6.30 -3.21 -24.84
N GLN F 216 -5.14 -3.81 -25.10
CA GLN F 216 -4.99 -5.25 -24.92
C GLN F 216 -4.05 -5.63 -23.80
N TYR F 217 -3.45 -4.67 -23.11
CA TYR F 217 -2.59 -4.99 -21.98
C TYR F 217 -3.44 -5.51 -20.83
N GLY F 218 -3.17 -6.74 -20.41
CA GLY F 218 -3.84 -7.33 -19.27
C GLY F 218 -5.00 -8.24 -19.60
N GLN F 219 -5.39 -8.33 -20.87
CA GLN F 219 -6.57 -9.10 -21.27
C GLN F 219 -6.16 -10.56 -21.50
N CYS F 220 -6.59 -11.44 -20.61
CA CYS F 220 -6.31 -12.86 -20.74
C CYS F 220 -7.58 -13.59 -21.17
N PRO F 221 -7.59 -14.24 -22.33
CA PRO F 221 -8.80 -14.94 -22.77
C PRO F 221 -9.13 -16.18 -21.94
N ASN F 222 -8.31 -16.53 -20.96
CA ASN F 222 -8.65 -17.64 -20.07
C ASN F 222 -9.76 -17.29 -19.10
N ASN F 223 -10.09 -16.00 -18.96
CA ASN F 223 -11.19 -15.56 -18.13
C ASN F 223 -12.42 -15.17 -18.94
N MET F 224 -12.27 -14.98 -20.25
CA MET F 224 -13.39 -14.63 -21.12
C MET F 224 -14.22 -15.89 -21.35
N MET F 225 -15.35 -15.99 -20.64
CA MET F 225 -16.16 -17.20 -20.63
C MET F 225 -17.43 -17.06 -21.45
N GLY F 226 -17.57 -15.99 -22.23
CA GLY F 226 -18.67 -15.91 -23.17
C GLY F 226 -19.72 -14.87 -22.86
N HIS F 227 -20.94 -15.10 -23.35
CA HIS F 227 -22.02 -14.15 -23.23
C HIS F 227 -23.24 -14.82 -22.64
N PHE F 228 -24.11 -14.01 -22.03
CA PHE F 228 -25.43 -14.45 -21.58
C PHE F 228 -26.48 -13.76 -22.44
N ALA F 229 -27.34 -14.55 -23.06
CA ALA F 229 -28.39 -14.04 -23.92
C ALA F 229 -29.73 -14.20 -23.23
N ILE F 230 -30.46 -13.10 -23.08
CA ILE F 230 -31.74 -13.08 -22.39
C ILE F 230 -32.76 -12.44 -23.30
N ARG F 231 -33.88 -13.12 -23.52
CA ARG F 231 -34.96 -12.59 -24.34
C ARG F 231 -36.29 -12.81 -23.63
N THR F 232 -37.25 -11.98 -24.00
CA THR F 232 -38.65 -12.25 -23.71
C THR F 232 -39.21 -13.15 -24.81
N VAL F 233 -39.84 -14.25 -24.43
CA VAL F 233 -40.38 -15.16 -25.42
C VAL F 233 -41.68 -14.57 -25.93
N SER F 234 -41.57 -13.74 -26.97
CA SER F 234 -42.70 -12.99 -27.49
C SER F 234 -42.64 -13.02 -29.01
N GLU F 235 -43.67 -12.47 -29.64
CA GLU F 235 -43.74 -12.36 -31.09
C GLU F 235 -43.73 -10.93 -31.58
N SER F 236 -43.74 -9.95 -30.69
CA SER F 236 -43.73 -8.54 -31.06
C SER F 236 -43.29 -7.74 -29.82
N THR F 237 -43.32 -6.42 -29.93
CA THR F 237 -42.87 -5.58 -28.84
C THR F 237 -43.81 -5.69 -27.65
N THR F 238 -43.24 -5.96 -26.47
CA THR F 238 -44.03 -6.01 -25.24
C THR F 238 -44.17 -4.64 -24.59
N GLY F 239 -43.36 -3.67 -24.98
CA GLY F 239 -43.44 -2.34 -24.42
C GLY F 239 -42.98 -2.21 -22.99
N LYS F 240 -42.37 -3.25 -22.42
CA LYS F 240 -41.95 -3.24 -21.03
C LYS F 240 -40.48 -3.63 -20.96
N ASN F 241 -39.71 -2.89 -20.15
CA ASN F 241 -38.30 -3.17 -19.94
C ASN F 241 -38.13 -4.03 -18.70
N ILE F 242 -37.26 -5.03 -18.79
CA ILE F 242 -37.03 -6.00 -17.73
C ILE F 242 -35.58 -5.92 -17.29
N HIS F 243 -35.36 -5.74 -16.00
CA HIS F 243 -34.02 -5.73 -15.42
C HIS F 243 -33.70 -7.09 -14.84
N VAL F 244 -32.51 -7.60 -15.14
CA VAL F 244 -32.05 -8.88 -14.62
C VAL F 244 -30.78 -8.64 -13.81
N ARG F 245 -30.75 -9.18 -12.61
CA ARG F 245 -29.63 -9.02 -11.69
C ARG F 245 -28.98 -10.38 -11.47
N VAL F 246 -27.69 -10.47 -11.73
CA VAL F 246 -26.95 -11.72 -11.68
C VAL F 246 -26.14 -11.76 -10.40
N TYR F 247 -26.33 -12.81 -9.61
CA TYR F 247 -25.64 -12.98 -8.34
C TYR F 247 -24.80 -14.25 -8.41
N MET F 248 -23.51 -14.13 -8.11
CA MET F 248 -22.56 -15.23 -8.24
C MET F 248 -22.07 -15.65 -6.85
N ARG F 249 -22.41 -16.87 -6.46
CA ARG F 249 -21.87 -17.47 -5.26
C ARG F 249 -20.75 -18.42 -5.64
N ILE F 250 -19.62 -18.31 -4.95
CA ILE F 250 -18.42 -19.08 -5.25
C ILE F 250 -18.38 -20.29 -4.34
N LYS F 251 -18.16 -21.46 -4.91
CA LYS F 251 -18.09 -22.71 -4.17
C LYS F 251 -16.83 -23.46 -4.57
N HIS F 252 -16.27 -24.21 -3.62
CA HIS F 252 -15.05 -24.99 -3.82
C HIS F 252 -13.89 -24.09 -4.26
N VAL F 253 -13.57 -23.14 -3.40
CA VAL F 253 -12.60 -22.09 -3.73
C VAL F 253 -11.20 -22.58 -3.43
N ARG F 254 -10.27 -22.19 -4.30
CA ARG F 254 -8.84 -22.35 -4.05
C ARG F 254 -8.15 -21.08 -4.52
N ALA F 255 -7.43 -20.42 -3.63
CA ALA F 255 -6.83 -19.12 -3.91
C ALA F 255 -5.33 -19.18 -3.75
N TRP F 256 -4.63 -18.33 -4.53
CA TRP F 256 -3.18 -18.31 -4.57
C TRP F 256 -2.68 -16.88 -4.62
N VAL F 257 -1.49 -16.67 -4.06
CA VAL F 257 -0.76 -15.40 -4.14
C VAL F 257 -1.61 -14.22 -3.67
N PRO F 258 -1.78 -14.05 -2.34
CA PRO F 258 -2.52 -12.89 -1.84
C PRO F 258 -1.92 -11.59 -2.33
N ARG F 259 -2.76 -10.56 -2.39
CA ARG F 259 -2.38 -9.25 -2.89
C ARG F 259 -2.92 -8.18 -1.97
N PRO F 260 -2.36 -6.98 -2.01
CA PRO F 260 -2.94 -5.87 -1.26
C PRO F 260 -4.35 -5.56 -1.73
N LEU F 261 -5.22 -5.26 -0.78
CA LEU F 261 -6.56 -4.84 -1.12
C LEU F 261 -6.53 -3.48 -1.81
N ARG F 262 -7.52 -3.23 -2.65
CA ARG F 262 -7.55 -2.00 -3.42
C ARG F 262 -7.74 -0.80 -2.52
N SER F 263 -6.95 0.25 -2.77
CA SER F 263 -7.03 1.49 -2.03
C SER F 263 -7.66 2.62 -2.81
N GLN F 264 -7.34 2.74 -4.09
CA GLN F 264 -7.90 3.79 -4.92
C GLN F 264 -9.27 3.38 -5.44
N ALA F 265 -9.99 4.35 -6.00
CA ALA F 265 -11.31 4.09 -6.56
C ALA F 265 -11.15 3.57 -7.98
N TYR F 266 -11.88 2.51 -8.31
CA TYR F 266 -11.85 1.98 -9.66
C TYR F 266 -12.41 2.99 -10.64
N MET F 267 -11.97 2.88 -11.89
CA MET F 267 -12.41 3.75 -12.96
C MET F 267 -13.03 3.00 -14.12
N VAL F 268 -12.46 1.86 -14.51
CA VAL F 268 -12.90 1.13 -15.69
C VAL F 268 -12.78 -0.36 -15.41
N LYS F 269 -13.72 -1.13 -15.94
CA LYS F 269 -13.64 -2.59 -15.86
C LYS F 269 -12.50 -3.10 -16.73
N ASN F 270 -11.84 -4.16 -16.27
CA ASN F 270 -10.73 -4.87 -16.91
C ASN F 270 -9.40 -4.14 -16.80
N TYR F 271 -9.33 -2.97 -16.18
CA TYR F 271 -8.07 -2.24 -16.07
C TYR F 271 -7.92 -1.67 -14.66
N PRO F 272 -6.71 -1.65 -14.13
CA PRO F 272 -6.49 -1.10 -12.78
C PRO F 272 -6.35 0.41 -12.77
N THR F 273 -6.77 1.08 -13.84
CA THR F 273 -6.62 2.52 -13.96
C THR F 273 -7.15 3.24 -12.73
N TYR F 274 -6.39 4.22 -12.26
CA TYR F 274 -6.84 5.08 -11.17
C TYR F 274 -6.76 6.54 -11.57
N SER F 275 -6.99 7.45 -10.64
CA SER F 275 -7.10 8.87 -10.94
C SER F 275 -5.85 9.62 -10.47
N GLN F 276 -5.63 10.78 -11.07
CA GLN F 276 -4.47 11.59 -10.69
C GLN F 276 -4.62 12.18 -9.29
N THR F 277 -5.84 12.36 -8.80
CA THR F 277 -6.07 12.78 -7.42
C THR F 277 -6.01 11.54 -6.54
N ILE F 278 -4.80 11.19 -6.10
CA ILE F 278 -4.59 10.01 -5.29
C ILE F 278 -5.10 10.27 -3.88
N THR F 279 -5.94 9.36 -3.39
CA THR F 279 -6.43 9.42 -2.03
C THR F 279 -5.50 8.66 -1.10
N ASN F 280 -5.66 8.91 0.19
CA ASN F 280 -4.81 8.32 1.21
C ASN F 280 -5.50 7.10 1.82
N THR F 281 -4.71 6.04 2.05
CA THR F 281 -5.27 4.85 2.66
C THR F 281 -5.79 5.13 4.06
N ALA F 282 -5.13 6.03 4.79
CA ALA F 282 -5.53 6.42 6.13
C ALA F 282 -6.06 7.84 6.12
N THR F 283 -6.99 8.11 7.03
CA THR F 283 -7.54 9.46 7.17
C THR F 283 -6.51 10.36 7.83
N ASP F 284 -6.90 11.60 8.09
CA ASP F 284 -5.97 12.64 8.53
C ASP F 284 -6.20 13.03 9.98
N ARG F 285 -5.12 13.16 10.73
CA ARG F 285 -5.12 13.75 12.05
C ARG F 285 -4.66 15.21 11.94
N ALA F 286 -4.62 15.88 13.09
CA ALA F 286 -4.07 17.24 13.11
C ALA F 286 -2.59 17.25 13.43
N SER F 287 -2.10 16.22 14.12
CA SER F 287 -0.69 16.11 14.44
C SER F 287 -0.36 14.64 14.64
N ILE F 288 0.93 14.31 14.57
CA ILE F 288 1.37 12.94 14.80
C ILE F 288 1.21 12.53 16.25
N THR F 289 0.74 13.44 17.12
CA THR F 289 0.58 13.17 18.53
C THR F 289 -0.87 13.16 18.98
N THR F 290 -1.80 13.61 18.15
CA THR F 290 -3.20 13.73 18.54
C THR F 290 -3.93 12.40 18.37
N THR F 291 -4.63 11.98 19.40
CA THR F 291 -5.49 10.81 19.37
C THR F 291 -6.90 11.23 19.77
N ASP F 292 -7.90 10.51 19.25
CA ASP F 292 -9.30 10.83 19.50
C ASP F 292 -9.85 9.86 20.53
N TYR F 293 -9.57 10.15 21.79
CA TYR F 293 -10.06 9.34 22.90
C TYR F 293 -9.99 10.18 24.17
N GLU F 294 -11.15 10.61 24.66
CA GLU F 294 -11.24 11.39 25.89
C GLU F 294 -11.76 10.45 26.97
N GLY F 295 -10.85 9.77 27.64
CA GLY F 295 -11.22 8.79 28.64
C GLY F 295 -11.70 9.38 29.94
N GLY F 296 -11.46 8.68 31.04
CA GLY F 296 -11.93 9.13 32.33
C GLY F 296 -11.17 10.34 32.84
N VAL F 297 -11.45 10.67 34.09
CA VAL F 297 -10.79 11.79 34.77
C VAL F 297 -9.58 11.24 35.51
N PRO F 298 -8.38 11.79 35.31
CA PRO F 298 -7.21 11.30 36.02
C PRO F 298 -7.33 11.56 37.51
N ALA F 299 -6.83 10.61 38.31
CA ALA F 299 -6.90 10.75 39.76
C ALA F 299 -5.95 11.83 40.28
N SER F 300 -4.93 12.19 39.51
CA SER F 300 -4.00 13.23 39.91
C SER F 300 -4.17 14.48 39.05
#